data_7D6Q
#
_entry.id   7D6Q
#
_cell.length_a   146.695
_cell.length_b   146.695
_cell.length_c   60.875
_cell.angle_alpha   90.000
_cell.angle_beta   90.000
_cell.angle_gamma   120.000
#
_symmetry.space_group_name_H-M   'P 61'
#
loop_
_entity.id
_entity.type
_entity.pdbx_description
1 polymer 'rRNA N-glycosylase'
2 polymer 'Shiga toxin 2 B subunit'
3 non-polymer 3-PYRIDINIUM-1-YLPROPANE-1-SULFONATE
4 water water
#
loop_
_entity_poly.entity_id
_entity_poly.type
_entity_poly.pdbx_seq_one_letter_code
_entity_poly.pdbx_strand_id
1 'polypeptide(L)'
;REFTIDFSTQQSYVSSLNSIRTEISTPLEHISQGTTSVSVINHTPPGSYFAVDIRGLDVYQARFDHLRLIIEQNNLYVAG
FVNTATNTFYRFSDFTHISVPGVTTVSMTTDSSYTTLQRVAALERSGMQISRHSLVSSYLALMEFSGNTMTRDASRAVLR
FVTVTAEALRFRQIQREFRQALSETAPVYTMTPGDVDLTLNWGRISNVLPEYRGEDGVRVGRISFNNISAILGTVAVILN
CHHQGARSVRAVNEESQPECQITGDRPVIKINNTLWESNTAAAFLNRKSQFLYTTGK
;
A
2 'polypeptide(L)' ADCAKGKIEFSKYNEDDTFTVKVDGKEYWTSRWNLQPLLQSAQLTGMTVTIKSSTCESGSGFAEVQFNND B,C,D,E,F
#
loop_
_chem_comp.id
_chem_comp.type
_chem_comp.name
_chem_comp.formula
1PS non-polymer 3-PYRIDINIUM-1-YLPROPANE-1-SULFONATE 'C8 H11 N O3 S'
#
# COMPACT_ATOMS: atom_id res chain seq x y z
N ARG A 1 0.69 -29.62 18.20
CA ARG A 1 1.50 -29.04 19.26
C ARG A 1 0.66 -28.07 20.09
N GLU A 2 0.92 -28.01 21.39
CA GLU A 2 0.28 -27.06 22.29
C GLU A 2 1.34 -26.21 22.95
N PHE A 3 1.03 -24.93 23.14
CA PHE A 3 1.91 -23.98 23.79
C PHE A 3 1.10 -23.20 24.82
N THR A 4 1.77 -22.76 25.86
CA THR A 4 1.14 -21.87 26.84
C THR A 4 1.59 -20.45 26.55
N ILE A 5 0.66 -19.50 26.62
CA ILE A 5 1.06 -18.10 26.74
C ILE A 5 0.67 -17.64 28.15
N ASP A 6 1.68 -17.33 28.95
CA ASP A 6 1.50 -17.03 30.37
C ASP A 6 1.59 -15.52 30.57
N PHE A 7 0.48 -14.91 30.96
CA PHE A 7 0.38 -13.48 31.14
C PHE A 7 0.79 -13.00 32.54
N SER A 8 1.43 -13.86 33.35
CA SER A 8 1.73 -13.50 34.73
C SER A 8 2.60 -12.25 34.82
N THR A 9 3.68 -12.22 34.06
CA THR A 9 4.63 -11.10 34.10
C THR A 9 5.08 -10.80 32.68
N GLN A 10 5.80 -9.69 32.51
CA GLN A 10 6.37 -9.42 31.20
C GLN A 10 7.36 -10.51 30.81
N GLN A 11 8.14 -11.00 31.78
CA GLN A 11 9.06 -12.10 31.53
C GLN A 11 8.33 -13.34 31.04
N SER A 12 7.28 -13.76 31.75
CA SER A 12 6.62 -15.01 31.35
C SER A 12 5.95 -14.85 29.99
N TYR A 13 5.39 -13.67 29.71
CA TYR A 13 4.70 -13.41 28.44
C TYR A 13 5.67 -13.45 27.26
N VAL A 14 6.75 -12.66 27.34
CA VAL A 14 7.74 -12.64 26.28
C VAL A 14 8.38 -14.01 26.13
N SER A 15 8.71 -14.68 27.23
CA SER A 15 9.25 -16.04 27.14
C SER A 15 8.30 -16.96 26.37
N SER A 16 6.99 -16.88 26.66
CA SER A 16 6.01 -17.72 25.99
C SER A 16 6.02 -17.48 24.49
N LEU A 17 5.99 -16.21 24.11
CA LEU A 17 5.95 -15.88 22.69
C LEU A 17 7.23 -16.34 21.99
N ASN A 18 8.39 -16.10 22.61
CA ASN A 18 9.67 -16.50 22.02
C ASN A 18 9.72 -18.01 21.81
N SER A 19 9.20 -18.80 22.77
CA SER A 19 9.20 -20.25 22.60
C SER A 19 8.34 -20.68 21.43
N ILE A 20 7.16 -20.06 21.29
CA ILE A 20 6.32 -20.39 20.12
C ILE A 20 7.08 -20.10 18.83
N ARG A 21 7.63 -18.89 18.73
CA ARG A 21 8.34 -18.49 17.51
C ARG A 21 9.45 -19.48 17.18
N THR A 22 10.24 -19.85 18.20
CA THR A 22 11.33 -20.78 17.95
C THR A 22 10.82 -22.08 17.38
N GLU A 23 9.68 -22.57 17.88
CA GLU A 23 9.22 -23.87 17.40
C GLU A 23 8.64 -23.80 15.99
N ILE A 24 7.99 -22.70 15.62
CA ILE A 24 7.19 -22.71 14.37
C ILE A 24 7.85 -21.98 13.21
N SER A 25 9.03 -21.39 13.40
CA SER A 25 9.61 -20.54 12.38
C SER A 25 11.13 -20.62 12.39
N THR A 26 11.74 -20.11 11.32
CA THR A 26 13.19 -20.14 11.12
C THR A 26 13.71 -18.74 10.81
N PRO A 27 14.77 -18.28 11.48
CA PRO A 27 15.26 -16.92 11.25
C PRO A 27 15.70 -16.67 9.82
N LEU A 28 15.42 -15.46 9.33
CA LEU A 28 16.04 -14.98 8.10
C LEU A 28 17.53 -14.79 8.32
N GLU A 29 18.33 -15.28 7.37
CA GLU A 29 19.78 -15.14 7.48
C GLU A 29 20.20 -13.68 7.64
N HIS A 30 19.54 -12.76 6.91
CA HIS A 30 19.98 -11.36 6.87
C HIS A 30 19.23 -10.45 7.83
N ILE A 31 18.34 -10.99 8.66
CA ILE A 31 17.68 -10.18 9.67
C ILE A 31 17.66 -10.96 10.98
N SER A 32 18.84 -11.13 11.59
CA SER A 32 18.93 -11.96 12.79
C SER A 32 20.11 -11.47 13.61
N GLN A 33 19.87 -11.25 14.89
CA GLN A 33 20.93 -10.88 15.85
C GLN A 33 20.74 -11.74 17.08
N GLY A 34 21.80 -12.42 17.51
CA GLY A 34 21.64 -13.35 18.61
C GLY A 34 20.52 -14.32 18.29
N THR A 35 19.60 -14.50 19.23
CA THR A 35 18.39 -15.29 18.99
C THR A 35 17.14 -14.42 18.82
N THR A 36 17.30 -13.20 18.29
CA THR A 36 16.19 -12.28 18.07
C THR A 36 16.18 -11.94 16.59
N SER A 37 15.12 -12.36 15.89
CA SER A 37 15.16 -12.34 14.43
C SER A 37 13.82 -11.92 13.89
N VAL A 38 13.78 -11.67 12.58
CA VAL A 38 12.56 -11.86 11.79
C VAL A 38 12.63 -13.28 11.27
N SER A 39 11.60 -14.08 11.57
CA SER A 39 11.60 -15.50 11.24
C SER A 39 10.46 -15.81 10.28
N VAL A 40 10.67 -16.81 9.42
CA VAL A 40 9.69 -17.23 8.44
C VAL A 40 9.01 -18.49 8.97
N ILE A 41 7.67 -18.51 8.92
CA ILE A 41 6.94 -19.67 9.41
C ILE A 41 7.32 -20.89 8.58
N ASN A 42 7.70 -21.98 9.27
CA ASN A 42 8.07 -23.21 8.57
C ASN A 42 6.86 -23.79 7.86
N HIS A 43 7.08 -24.34 6.67
CA HIS A 43 5.96 -24.88 5.92
C HIS A 43 5.30 -26.02 6.69
N THR A 44 3.98 -25.95 6.81
CA THR A 44 3.14 -27.04 7.29
C THR A 44 2.01 -27.22 6.29
N PRO A 45 1.38 -28.39 6.27
CA PRO A 45 0.28 -28.61 5.33
C PRO A 45 -0.90 -27.72 5.68
N PRO A 46 -1.71 -27.35 4.68
CA PRO A 46 -2.91 -26.57 4.97
C PRO A 46 -3.81 -27.29 5.95
N GLY A 47 -4.35 -26.55 6.91
CA GLY A 47 -5.17 -27.12 7.96
C GLY A 47 -4.43 -27.48 9.22
N SER A 48 -3.10 -27.43 9.20
CA SER A 48 -2.30 -27.63 10.41
C SER A 48 -2.54 -26.50 11.39
N TYR A 49 -2.65 -26.84 12.67
CA TYR A 49 -2.86 -25.83 13.70
C TYR A 49 -2.00 -26.16 14.90
N PHE A 50 -1.82 -25.16 15.76
CA PHE A 50 -1.35 -25.41 17.12
C PHE A 50 -2.32 -24.77 18.09
N ALA A 51 -2.32 -25.29 19.32
CA ALA A 51 -3.17 -24.81 20.39
C ALA A 51 -2.38 -23.89 21.30
N VAL A 52 -3.04 -22.85 21.80
CA VAL A 52 -2.45 -21.93 22.76
C VAL A 52 -3.29 -21.97 24.02
N ASP A 53 -2.71 -22.42 25.13
CA ASP A 53 -3.41 -22.37 26.42
C ASP A 53 -3.12 -21.03 27.10
N ILE A 54 -4.20 -20.32 27.47
CA ILE A 54 -4.07 -19.01 28.10
C ILE A 54 -3.90 -19.21 29.60
N ARG A 55 -2.82 -18.65 30.15
CA ARG A 55 -2.52 -18.81 31.57
C ARG A 55 -2.10 -17.47 32.17
N GLY A 56 -2.14 -17.41 33.50
CA GLY A 56 -1.56 -16.27 34.21
C GLY A 56 -2.32 -14.97 34.12
N LEU A 57 -3.61 -15.01 33.73
CA LEU A 57 -4.41 -13.79 33.78
C LEU A 57 -4.48 -13.23 35.20
N ASP A 58 -4.59 -14.12 36.18
CA ASP A 58 -4.36 -13.79 37.58
C ASP A 58 -2.93 -14.26 37.88
N VAL A 59 -2.03 -13.32 38.16
CA VAL A 59 -0.59 -13.53 38.19
C VAL A 59 -0.23 -14.80 38.96
N TYR A 60 0.37 -15.76 38.26
CA TYR A 60 0.92 -17.00 38.83
C TYR A 60 -0.13 -17.89 39.48
N GLN A 61 -1.41 -17.70 39.20
CA GLN A 61 -2.47 -18.46 39.84
C GLN A 61 -3.09 -19.45 38.85
N ALA A 62 -3.35 -20.67 39.32
CA ALA A 62 -4.00 -21.68 38.49
C ALA A 62 -5.52 -21.46 38.55
N ARG A 63 -5.94 -20.35 37.95
CA ARG A 63 -7.36 -20.08 37.77
C ARG A 63 -7.51 -19.35 36.45
N PHE A 64 -8.76 -19.14 36.04
CA PHE A 64 -9.02 -18.58 34.72
C PHE A 64 -8.26 -19.36 33.66
N ASP A 65 -8.30 -20.69 33.76
CA ASP A 65 -7.40 -21.52 32.99
C ASP A 65 -8.11 -22.50 32.06
N HIS A 66 -9.28 -22.12 31.54
CA HIS A 66 -10.05 -23.00 30.65
C HIS A 66 -10.15 -22.48 29.22
N LEU A 67 -9.39 -21.46 28.85
CA LEU A 67 -9.43 -20.91 27.50
C LEU A 67 -8.23 -21.40 26.70
N ARG A 68 -8.52 -21.97 25.53
CA ARG A 68 -7.51 -22.36 24.57
C ARG A 68 -7.84 -21.70 23.24
N LEU A 69 -6.85 -21.19 22.54
CA LEU A 69 -7.03 -20.66 21.19
C LEU A 69 -6.52 -21.67 20.17
N ILE A 70 -7.21 -21.79 19.04
CA ILE A 70 -6.78 -22.68 17.97
C ILE A 70 -6.24 -21.79 16.86
N ILE A 71 -4.96 -21.97 16.51
CA ILE A 71 -4.26 -21.06 15.60
C ILE A 71 -3.79 -21.86 14.40
N GLU A 72 -4.26 -21.48 13.20
CA GLU A 72 -3.76 -22.14 11.99
C GLU A 72 -2.29 -21.77 11.80
N GLN A 73 -1.46 -22.79 11.59
CA GLN A 73 -0.03 -22.59 11.79
C GLN A 73 0.60 -21.81 10.65
N ASN A 74 0.15 -22.02 9.41
CA ASN A 74 0.82 -21.37 8.28
C ASN A 74 0.61 -19.86 8.26
N ASN A 75 -0.48 -19.37 8.84
CA ASN A 75 -0.81 -17.95 8.73
C ASN A 75 -1.07 -17.28 10.07
N LEU A 76 -0.99 -18.03 11.17
CA LEU A 76 -1.25 -17.52 12.52
C LEU A 76 -2.67 -16.97 12.67
N TYR A 77 -3.61 -17.37 11.81
CA TYR A 77 -4.99 -16.95 12.01
C TYR A 77 -5.61 -17.70 13.18
N VAL A 78 -6.44 -16.99 13.95
CA VAL A 78 -7.17 -17.63 15.03
C VAL A 78 -8.44 -18.25 14.44
N ALA A 79 -8.48 -19.59 14.44
CA ALA A 79 -9.60 -20.31 13.84
C ALA A 79 -10.81 -20.40 14.76
N GLY A 80 -10.60 -20.14 16.05
CA GLY A 80 -11.64 -20.26 17.03
C GLY A 80 -11.04 -20.44 18.41
N PHE A 81 -11.92 -20.72 19.37
CA PHE A 81 -11.49 -20.88 20.76
C PHE A 81 -12.16 -22.10 21.40
N VAL A 82 -11.47 -22.70 22.37
CA VAL A 82 -11.93 -23.89 23.07
C VAL A 82 -12.19 -23.52 24.52
N ASN A 83 -13.38 -23.87 25.00
CA ASN A 83 -13.71 -23.92 26.41
C ASN A 83 -13.35 -25.33 26.86
N THR A 84 -12.22 -25.47 27.57
CA THR A 84 -11.77 -26.79 27.98
C THR A 84 -12.58 -27.34 29.15
N ALA A 85 -13.36 -26.50 29.82
CA ALA A 85 -14.26 -27.01 30.86
C ALA A 85 -15.43 -27.76 30.23
N THR A 86 -16.03 -27.22 29.18
CA THR A 86 -17.12 -27.91 28.48
C THR A 86 -16.62 -28.72 27.29
N ASN A 87 -15.31 -28.69 27.00
CA ASN A 87 -14.72 -29.42 25.88
C ASN A 87 -15.37 -29.03 24.56
N THR A 88 -15.53 -27.72 24.35
CA THR A 88 -16.23 -27.20 23.17
C THR A 88 -15.36 -26.25 22.38
N PHE A 89 -15.23 -26.52 21.07
CA PHE A 89 -14.46 -25.70 20.14
C PHE A 89 -15.43 -24.85 19.31
N TYR A 90 -15.41 -23.53 19.54
CA TYR A 90 -16.21 -22.59 18.78
C TYR A 90 -15.36 -22.11 17.61
N ARG A 91 -15.77 -22.49 16.40
CA ARG A 91 -14.95 -22.36 15.20
C ARG A 91 -15.57 -21.34 14.26
N PHE A 92 -14.76 -20.40 13.79
CA PHE A 92 -15.24 -19.37 12.88
C PHE A 92 -15.63 -19.99 11.54
N SER A 93 -16.52 -19.30 10.82
CA SER A 93 -17.10 -19.87 9.61
C SER A 93 -16.08 -20.02 8.49
N ASP A 94 -14.98 -19.26 8.53
CA ASP A 94 -13.95 -19.36 7.50
C ASP A 94 -12.89 -20.41 7.82
N PHE A 95 -13.15 -21.30 8.78
CA PHE A 95 -12.16 -22.29 9.17
C PHE A 95 -12.79 -23.68 9.27
N THR A 96 -13.74 -23.98 8.39
CA THR A 96 -14.31 -25.32 8.38
C THR A 96 -13.29 -26.38 7.99
N HIS A 97 -12.14 -25.98 7.46
CA HIS A 97 -11.06 -26.92 7.14
C HIS A 97 -10.17 -27.25 8.33
N ILE A 98 -10.39 -26.64 9.49
CA ILE A 98 -9.61 -26.91 10.69
C ILE A 98 -10.38 -27.91 11.53
N SER A 99 -9.83 -29.12 11.69
CA SER A 99 -10.48 -30.16 12.47
C SER A 99 -9.64 -30.44 13.70
N VAL A 100 -10.27 -30.35 14.87
CA VAL A 100 -9.63 -30.57 16.16
C VAL A 100 -10.23 -31.84 16.77
N PRO A 101 -9.44 -32.90 16.99
CA PRO A 101 -10.01 -34.12 17.55
C PRO A 101 -10.33 -33.98 19.04
N GLY A 102 -11.30 -34.78 19.49
CA GLY A 102 -11.60 -34.92 20.89
C GLY A 102 -12.46 -33.85 21.51
N VAL A 103 -12.90 -32.84 20.74
CA VAL A 103 -13.76 -31.78 21.26
C VAL A 103 -15.08 -31.84 20.51
N THR A 104 -16.09 -31.22 21.11
CA THR A 104 -17.33 -30.88 20.40
C THR A 104 -17.06 -29.62 19.57
N THR A 105 -17.21 -29.72 18.26
CA THR A 105 -16.99 -28.57 17.38
C THR A 105 -18.32 -27.88 17.11
N VAL A 106 -18.40 -26.61 17.47
CA VAL A 106 -19.55 -25.75 17.14
C VAL A 106 -19.13 -24.88 15.97
N SER A 107 -19.72 -25.13 14.81
CA SER A 107 -19.43 -24.34 13.62
C SER A 107 -20.24 -23.06 13.64
N MET A 108 -19.56 -21.92 13.64
CA MET A 108 -20.26 -20.66 13.86
C MET A 108 -20.68 -20.02 12.54
N THR A 109 -21.73 -19.20 12.59
CA THR A 109 -22.12 -18.40 11.45
C THR A 109 -21.18 -17.21 11.23
N THR A 110 -20.49 -16.77 12.28
CA THR A 110 -19.64 -15.60 12.22
C THR A 110 -18.28 -15.96 11.61
N ASP A 111 -17.78 -15.13 10.70
CA ASP A 111 -16.42 -15.28 10.20
C ASP A 111 -15.46 -14.48 11.06
N SER A 112 -14.17 -14.77 10.89
CA SER A 112 -13.12 -14.26 11.77
C SER A 112 -12.57 -12.89 11.36
N SER A 113 -13.02 -12.32 10.24
CA SER A 113 -12.37 -11.11 9.73
C SER A 113 -12.49 -9.97 10.72
N TYR A 114 -11.48 -9.08 10.69
CA TYR A 114 -11.55 -7.89 11.55
C TYR A 114 -12.76 -7.02 11.20
N THR A 115 -13.16 -6.96 9.93
CA THR A 115 -14.36 -6.21 9.58
C THR A 115 -15.57 -6.71 10.35
N THR A 116 -15.78 -8.03 10.30
CA THR A 116 -16.92 -8.63 10.99
C THR A 116 -16.80 -8.46 12.50
N LEU A 117 -15.62 -8.77 13.05
CA LEU A 117 -15.48 -8.76 14.50
C LEU A 117 -15.67 -7.36 15.06
N GLN A 118 -15.11 -6.36 14.39
CA GLN A 118 -15.31 -4.98 14.84
C GLN A 118 -16.77 -4.60 14.76
N ARG A 119 -17.48 -5.04 13.73
CA ARG A 119 -18.90 -4.71 13.62
C ARG A 119 -19.70 -5.34 14.77
N VAL A 120 -19.56 -6.65 14.95
CA VAL A 120 -20.33 -7.33 16.00
C VAL A 120 -19.95 -6.82 17.37
N ALA A 121 -18.66 -6.51 17.56
CA ALA A 121 -18.16 -6.05 18.85
C ALA A 121 -18.50 -4.60 19.13
N ALA A 122 -18.93 -3.84 18.13
CA ALA A 122 -19.05 -2.39 18.26
C ALA A 122 -17.78 -1.82 18.91
N LEU A 123 -16.63 -2.24 18.39
CA LEU A 123 -15.34 -1.83 18.93
C LEU A 123 -14.35 -1.74 17.78
N GLU A 124 -13.78 -0.55 17.56
CA GLU A 124 -12.72 -0.38 16.57
C GLU A 124 -11.36 -0.71 17.18
N ARG A 125 -10.51 -1.39 16.40
CA ARG A 125 -9.18 -1.74 16.88
C ARG A 125 -8.32 -0.50 17.12
N SER A 126 -8.42 0.49 16.25
CA SER A 126 -7.66 1.72 16.44
C SER A 126 -8.19 2.45 17.66
N GLY A 127 -7.40 2.49 18.72
CA GLY A 127 -7.84 3.06 19.99
C GLY A 127 -8.35 2.04 20.99
N MET A 128 -8.42 0.77 20.61
CA MET A 128 -8.85 -0.27 21.52
C MET A 128 -7.92 -0.36 22.73
N GLN A 129 -8.50 -0.44 23.92
CA GLN A 129 -7.73 -0.56 25.15
C GLN A 129 -7.69 -2.01 25.60
N ILE A 130 -6.54 -2.44 26.09
CA ILE A 130 -6.38 -3.78 26.63
C ILE A 130 -5.60 -3.66 27.93
N SER A 131 -6.12 -4.29 29.00
CA SER A 131 -5.49 -4.30 30.31
C SER A 131 -5.55 -5.73 30.82
N ARG A 132 -4.79 -6.01 31.88
CA ARG A 132 -5.01 -7.28 32.56
C ARG A 132 -6.48 -7.44 32.92
N HIS A 133 -7.09 -6.37 33.43
CA HIS A 133 -8.50 -6.45 33.82
C HIS A 133 -9.41 -6.79 32.64
N SER A 134 -9.20 -6.15 31.49
CA SER A 134 -10.10 -6.47 30.39
C SER A 134 -9.76 -7.80 29.75
N LEU A 135 -8.55 -8.33 29.92
CA LEU A 135 -8.31 -9.69 29.50
C LEU A 135 -9.04 -10.68 30.40
N VAL A 136 -9.11 -10.40 31.70
CA VAL A 136 -9.93 -11.25 32.57
C VAL A 136 -11.40 -11.17 32.16
N SER A 137 -11.89 -9.96 31.90
CA SER A 137 -13.26 -9.80 31.42
C SER A 137 -13.49 -10.56 30.12
N SER A 138 -12.52 -10.49 29.22
CA SER A 138 -12.59 -11.18 27.94
C SER A 138 -12.68 -12.69 28.14
N TYR A 139 -11.84 -13.21 29.03
CA TYR A 139 -11.86 -14.63 29.35
C TYR A 139 -13.23 -15.06 29.84
N LEU A 140 -13.77 -14.32 30.82
CA LEU A 140 -15.08 -14.66 31.37
C LEU A 140 -16.16 -14.61 30.29
N ALA A 141 -16.10 -13.61 29.40
CA ALA A 141 -17.05 -13.54 28.31
C ALA A 141 -16.97 -14.78 27.41
N LEU A 142 -15.76 -15.24 27.11
CA LEU A 142 -15.64 -16.40 26.23
C LEU A 142 -16.06 -17.68 26.94
N MET A 143 -15.86 -17.76 28.25
CA MET A 143 -16.30 -18.95 28.98
C MET A 143 -17.81 -18.97 29.15
N GLU A 144 -18.45 -17.80 29.19
CA GLU A 144 -19.91 -17.73 29.25
C GLU A 144 -20.55 -17.93 27.88
N PHE A 145 -19.80 -17.77 26.79
CA PHE A 145 -20.38 -17.83 25.46
C PHE A 145 -20.89 -19.22 25.13
N SER A 146 -22.05 -19.26 24.49
CA SER A 146 -22.63 -20.49 23.99
C SER A 146 -23.34 -20.16 22.68
N GLY A 147 -23.51 -21.17 21.85
CA GLY A 147 -24.25 -20.99 20.61
C GLY A 147 -23.34 -20.90 19.40
N ASN A 148 -23.99 -20.68 18.25
CA ASN A 148 -23.35 -20.73 16.94
C ASN A 148 -23.08 -19.34 16.36
N THR A 149 -23.43 -18.27 17.06
CA THR A 149 -23.31 -16.92 16.51
C THR A 149 -22.66 -16.02 17.54
N MET A 150 -21.53 -15.39 17.17
CA MET A 150 -20.81 -14.56 18.12
C MET A 150 -21.68 -13.43 18.63
N THR A 151 -21.54 -13.14 19.92
CA THR A 151 -22.16 -12.00 20.59
C THR A 151 -21.22 -10.80 20.58
N ARG A 152 -21.72 -9.65 21.01
CA ARG A 152 -20.88 -8.47 21.11
C ARG A 152 -19.71 -8.70 22.07
N ASP A 153 -20.00 -9.23 23.26
CA ASP A 153 -18.92 -9.38 24.24
C ASP A 153 -17.93 -10.47 23.86
N ALA A 154 -18.41 -11.55 23.23
CA ALA A 154 -17.47 -12.56 22.75
C ALA A 154 -16.58 -11.99 21.65
N SER A 155 -17.14 -11.14 20.80
CA SER A 155 -16.34 -10.53 19.74
C SER A 155 -15.31 -9.56 20.31
N ARG A 156 -15.67 -8.79 21.33
CA ARG A 156 -14.69 -7.92 21.99
C ARG A 156 -13.57 -8.74 22.60
N ALA A 157 -13.93 -9.87 23.24
CA ALA A 157 -12.93 -10.75 23.83
C ALA A 157 -11.97 -11.29 22.78
N VAL A 158 -12.49 -11.71 21.62
CA VAL A 158 -11.62 -12.25 20.58
C VAL A 158 -10.71 -11.16 20.02
N LEU A 159 -11.24 -9.95 19.81
CA LEU A 159 -10.39 -8.86 19.34
C LEU A 159 -9.20 -8.64 20.28
N ARG A 160 -9.48 -8.61 21.59
CA ARG A 160 -8.39 -8.39 22.55
C ARG A 160 -7.40 -9.57 22.55
N PHE A 161 -7.91 -10.80 22.57
CA PHE A 161 -7.01 -11.94 22.70
C PHE A 161 -6.19 -12.18 21.42
N VAL A 162 -6.79 -11.95 20.24
CA VAL A 162 -6.02 -12.08 19.01
C VAL A 162 -4.92 -11.04 18.96
N THR A 163 -5.20 -9.82 19.45
CA THR A 163 -4.15 -8.79 19.43
C THR A 163 -2.97 -9.22 20.27
N VAL A 164 -3.22 -9.74 21.48
CA VAL A 164 -2.11 -10.00 22.39
C VAL A 164 -1.49 -11.39 22.18
N THR A 165 -2.03 -12.21 21.28
CA THR A 165 -1.40 -13.50 20.99
C THR A 165 -0.86 -13.51 19.57
N ALA A 166 -1.74 -13.74 18.58
CA ALA A 166 -1.30 -13.85 17.18
C ALA A 166 -0.61 -12.56 16.69
N GLU A 167 -1.20 -11.39 16.95
CA GLU A 167 -0.58 -10.17 16.40
C GLU A 167 0.75 -9.87 17.09
N ALA A 168 0.84 -10.16 18.40
CA ALA A 168 2.10 -9.99 19.10
C ALA A 168 3.15 -11.00 18.66
N LEU A 169 2.73 -12.23 18.31
CA LEU A 169 3.66 -13.18 17.70
C LEU A 169 4.24 -12.62 16.41
N ARG A 170 3.39 -12.02 15.58
CA ARG A 170 3.88 -11.44 14.33
C ARG A 170 4.79 -10.23 14.55
N PHE A 171 4.41 -9.35 15.47
CA PHE A 171 5.03 -8.03 15.58
C PHE A 171 5.61 -7.83 16.98
N ARG A 172 6.95 -7.81 17.03
CA ARG A 172 7.64 -7.47 18.26
C ARG A 172 7.22 -6.09 18.77
N GLN A 173 6.77 -5.20 17.88
CA GLN A 173 6.30 -3.89 18.33
C GLN A 173 5.07 -4.02 19.23
N ILE A 174 4.13 -4.88 18.85
CA ILE A 174 2.93 -5.08 19.65
C ILE A 174 3.27 -5.83 20.94
N GLN A 175 4.16 -6.82 20.86
CA GLN A 175 4.66 -7.46 22.08
C GLN A 175 5.19 -6.44 23.07
N ARG A 176 6.05 -5.52 22.60
CA ARG A 176 6.70 -4.56 23.48
C ARG A 176 5.70 -3.58 24.07
N GLU A 177 4.79 -3.06 23.24
CA GLU A 177 3.82 -2.09 23.74
C GLU A 177 2.82 -2.73 24.70
N PHE A 178 2.29 -3.91 24.34
CA PHE A 178 1.27 -4.49 25.19
C PHE A 178 1.85 -4.97 26.51
N ARG A 179 3.09 -5.49 26.51
CA ARG A 179 3.56 -6.14 27.72
C ARG A 179 3.63 -5.20 28.93
N GLN A 180 3.70 -3.88 28.70
CA GLN A 180 3.69 -2.95 29.83
C GLN A 180 2.43 -3.10 30.68
N ALA A 181 1.31 -3.51 30.06
CA ALA A 181 0.07 -3.69 30.80
C ALA A 181 0.15 -4.82 31.81
N LEU A 182 1.13 -5.72 31.70
CA LEU A 182 1.25 -6.83 32.62
C LEU A 182 2.06 -6.49 33.86
N SER A 183 2.62 -5.28 33.94
CA SER A 183 3.44 -4.92 35.07
C SER A 183 2.57 -4.61 36.29
N GLU A 184 3.21 -4.53 37.45
CA GLU A 184 2.48 -4.32 38.69
C GLU A 184 1.69 -3.00 38.66
N THR A 185 2.16 -2.02 37.90
CA THR A 185 1.43 -0.76 37.74
C THR A 185 0.10 -0.98 37.05
N ALA A 186 -0.03 -2.06 36.27
CA ALA A 186 -1.24 -2.37 35.52
C ALA A 186 -1.72 -1.18 34.68
N PRO A 187 -0.85 -0.61 33.83
CA PRO A 187 -1.32 0.46 32.94
C PRO A 187 -2.19 -0.13 31.84
N VAL A 188 -2.74 0.73 31.00
CA VAL A 188 -3.58 0.30 29.89
C VAL A 188 -2.76 0.37 28.61
N TYR A 189 -2.83 -0.68 27.80
CA TYR A 189 -2.29 -0.67 26.45
C TYR A 189 -3.37 -0.12 25.53
N THR A 190 -3.03 0.87 24.71
CA THR A 190 -3.93 1.37 23.69
C THR A 190 -3.36 1.05 22.32
N MET A 191 -4.11 0.29 21.52
CA MET A 191 -3.66 -0.05 20.18
C MET A 191 -3.67 1.20 19.31
N THR A 192 -2.53 1.49 18.68
CA THR A 192 -2.36 2.71 17.92
C THR A 192 -2.71 2.53 16.45
N PRO A 193 -2.89 3.62 15.72
CA PRO A 193 -3.04 3.48 14.26
C PRO A 193 -1.85 2.78 13.63
N GLY A 194 -0.63 3.03 14.14
CA GLY A 194 0.53 2.35 13.59
C GLY A 194 0.52 0.85 13.84
N ASP A 195 0.12 0.44 15.06
CA ASP A 195 -0.10 -0.98 15.34
C ASP A 195 -1.06 -1.60 14.32
N VAL A 196 -2.21 -0.94 14.13
CA VAL A 196 -3.22 -1.46 13.22
C VAL A 196 -2.64 -1.60 11.81
N ASP A 197 -1.97 -0.55 11.32
CA ASP A 197 -1.38 -0.61 9.99
C ASP A 197 -0.40 -1.77 9.84
N LEU A 198 0.42 -2.04 10.87
CA LEU A 198 1.29 -3.21 10.78
C LEU A 198 0.48 -4.46 10.52
N THR A 199 -0.57 -4.66 11.33
CA THR A 199 -1.36 -5.89 11.19
C THR A 199 -2.00 -5.97 9.81
N LEU A 200 -2.35 -4.82 9.23
CA LEU A 200 -2.99 -4.81 7.92
C LEU A 200 -2.01 -5.06 6.78
N ASN A 201 -0.71 -4.87 7.03
CA ASN A 201 0.29 -5.03 5.98
C ASN A 201 1.19 -6.24 6.18
N TRP A 202 0.81 -7.16 7.07
CA TRP A 202 1.64 -8.34 7.33
C TRP A 202 2.03 -9.11 6.06
N GLY A 203 1.07 -9.45 5.20
CA GLY A 203 1.42 -10.17 3.97
C GLY A 203 2.38 -9.42 3.07
N ARG A 204 2.18 -8.11 2.92
CA ARG A 204 3.07 -7.33 2.07
C ARG A 204 4.47 -7.27 2.66
N ILE A 205 4.55 -7.05 3.98
CA ILE A 205 5.84 -7.06 4.66
C ILE A 205 6.53 -8.40 4.45
N SER A 206 5.75 -9.48 4.54
CA SER A 206 6.26 -10.83 4.44
C SER A 206 6.85 -11.08 3.07
N ASN A 207 6.27 -10.48 2.03
CA ASN A 207 6.82 -10.65 0.68
C ASN A 207 8.11 -9.87 0.50
N VAL A 208 8.28 -8.77 1.23
CA VAL A 208 9.44 -7.91 0.97
C VAL A 208 10.66 -8.28 1.82
N LEU A 209 10.48 -8.57 3.10
CA LEU A 209 11.65 -8.73 3.97
C LEU A 209 12.60 -9.87 3.56
N PRO A 210 12.17 -10.97 2.96
CA PRO A 210 13.15 -11.99 2.54
C PRO A 210 14.15 -11.48 1.51
N GLU A 211 13.87 -10.37 0.83
CA GLU A 211 14.78 -9.79 -0.16
C GLU A 211 15.78 -8.82 0.43
N TYR A 212 15.59 -8.42 1.69
CA TYR A 212 16.47 -7.45 2.34
C TYR A 212 17.91 -7.94 2.42
N ARG A 213 18.85 -7.09 2.03
CA ARG A 213 20.28 -7.41 2.09
C ARG A 213 21.06 -6.24 2.65
N GLY A 214 20.53 -5.61 3.68
CA GLY A 214 21.23 -4.53 4.35
C GLY A 214 21.03 -3.15 3.74
N GLU A 215 19.99 -2.94 2.94
CA GLU A 215 19.71 -1.62 2.40
C GLU A 215 19.45 -0.63 3.53
N ASP A 216 19.64 0.65 3.22
CA ASP A 216 19.46 1.67 4.26
C ASP A 216 18.01 1.82 4.69
N GLY A 217 17.07 1.28 3.95
CA GLY A 217 15.68 1.41 4.37
C GLY A 217 14.82 0.41 3.64
N VAL A 218 13.59 0.26 4.16
CA VAL A 218 12.57 -0.63 3.61
C VAL A 218 11.27 0.15 3.60
N ARG A 219 10.58 0.14 2.47
N ARG A 219 10.56 0.12 2.47
CA ARG A 219 9.30 0.83 2.32
CA ARG A 219 9.30 0.85 2.32
C ARG A 219 8.29 -0.16 1.77
C ARG A 219 8.26 -0.09 1.73
N VAL A 220 7.20 -0.36 2.50
CA VAL A 220 6.13 -1.25 2.08
C VAL A 220 4.83 -0.51 2.35
N GLY A 221 4.21 0.03 1.30
CA GLY A 221 3.05 0.88 1.49
C GLY A 221 3.28 1.98 2.51
N ARG A 222 2.46 2.00 3.56
CA ARG A 222 2.54 2.99 4.62
C ARG A 222 3.61 2.70 5.66
N ILE A 223 4.31 1.57 5.55
CA ILE A 223 5.27 1.10 6.54
C ILE A 223 6.67 1.49 6.09
N SER A 224 7.47 2.03 7.01
CA SER A 224 8.85 2.39 6.73
C SER A 224 9.75 1.91 7.85
N PHE A 225 10.90 1.33 7.48
CA PHE A 225 11.96 0.95 8.40
C PHE A 225 13.25 1.60 7.93
N ASN A 226 14.00 2.23 8.86
CA ASN A 226 15.20 2.96 8.46
C ASN A 226 16.51 2.26 8.78
N ASN A 227 16.48 1.10 9.42
CA ASN A 227 17.70 0.39 9.80
C ASN A 227 17.27 -0.96 10.35
N ILE A 228 18.26 -1.82 10.59
CA ILE A 228 17.93 -3.17 11.03
C ILE A 228 17.30 -3.16 12.43
N SER A 229 17.70 -2.23 13.30
CA SER A 229 17.06 -2.21 14.63
C SER A 229 15.59 -1.85 14.54
N ALA A 230 15.20 -1.00 13.58
CA ALA A 230 13.77 -0.72 13.41
C ALA A 230 13.02 -1.95 12.92
N ILE A 231 13.61 -2.69 11.98
CA ILE A 231 12.98 -3.93 11.51
C ILE A 231 12.79 -4.89 12.67
N LEU A 232 13.89 -5.19 13.39
CA LEU A 232 13.84 -6.17 14.47
C LEU A 232 12.94 -5.70 15.61
N GLY A 233 12.95 -4.41 15.91
CA GLY A 233 12.07 -3.90 16.95
C GLY A 233 10.61 -3.94 16.57
N THR A 234 10.32 -4.06 15.28
CA THR A 234 8.93 -4.06 14.84
C THR A 234 8.39 -5.44 14.48
N VAL A 235 9.11 -6.23 13.69
CA VAL A 235 8.61 -7.47 13.10
C VAL A 235 9.32 -8.66 13.73
N ALA A 236 8.56 -9.71 14.05
CA ALA A 236 9.14 -10.96 14.57
C ALA A 236 8.91 -12.17 13.69
N VAL A 237 7.73 -12.36 13.13
CA VAL A 237 7.39 -13.55 12.35
C VAL A 237 6.66 -13.11 11.07
N ILE A 238 7.09 -13.67 9.93
CA ILE A 238 6.43 -13.38 8.66
C ILE A 238 5.96 -14.68 8.01
N LEU A 239 5.03 -14.52 7.07
CA LEU A 239 4.56 -15.63 6.25
C LEU A 239 5.69 -16.19 5.41
N ASN A 240 5.53 -17.45 5.02
CA ASN A 240 6.43 -18.12 4.08
C ASN A 240 5.94 -17.85 2.68
N CYS A 241 6.52 -16.84 2.05
CA CYS A 241 6.17 -16.46 0.68
C CYS A 241 6.96 -17.24 -0.36
N HIS A 242 6.97 -18.57 -0.22
CA HIS A 242 7.60 -19.45 -1.21
C HIS A 242 6.55 -20.35 -1.84
N GLN A 257 1.75 -18.87 0.07
CA GLN A 257 0.59 -18.35 0.78
C GLN A 257 -0.07 -17.21 0.01
N PRO A 258 -1.40 -17.24 -0.08
CA PRO A 258 -2.11 -16.23 -0.90
C PRO A 258 -1.88 -14.80 -0.46
N GLU A 259 -1.65 -14.56 0.84
CA GLU A 259 -1.50 -13.19 1.33
C GLU A 259 -0.20 -12.52 0.88
N CYS A 260 0.71 -13.25 0.23
CA CYS A 260 2.01 -12.69 -0.12
C CYS A 260 1.95 -11.82 -1.36
N GLN A 261 1.16 -12.24 -2.34
CA GLN A 261 1.10 -11.59 -3.64
C GLN A 261 -0.23 -10.88 -3.76
N ILE A 262 -0.21 -9.65 -4.26
CA ILE A 262 -1.42 -8.90 -4.54
C ILE A 262 -1.65 -8.94 -6.04
N THR A 263 -0.64 -8.50 -6.78
CA THR A 263 -0.68 -8.47 -8.24
C THR A 263 0.76 -8.39 -8.72
N GLY A 264 0.99 -8.77 -9.98
CA GLY A 264 2.36 -8.73 -10.49
C GLY A 264 3.23 -9.84 -9.92
N ASP A 265 4.53 -9.78 -10.25
CA ASP A 265 5.42 -10.86 -9.83
C ASP A 265 6.79 -10.35 -9.38
N ARG A 266 6.91 -9.07 -9.05
CA ARG A 266 8.19 -8.47 -8.70
C ARG A 266 8.13 -8.01 -7.26
N PRO A 267 8.74 -8.73 -6.31
CA PRO A 267 8.59 -8.34 -4.90
C PRO A 267 9.10 -6.94 -4.61
N VAL A 268 10.28 -6.57 -5.11
CA VAL A 268 10.95 -5.35 -4.66
C VAL A 268 11.66 -4.65 -5.82
N ILE A 269 11.88 -3.36 -5.60
CA ILE A 269 12.75 -2.52 -6.41
C ILE A 269 13.66 -1.77 -5.47
N LYS A 270 14.97 -1.81 -5.72
CA LYS A 270 15.90 -1.01 -4.93
C LYS A 270 16.02 0.37 -5.58
N ILE A 271 15.67 1.41 -4.83
CA ILE A 271 15.71 2.79 -5.31
C ILE A 271 16.49 3.61 -4.29
N ASN A 272 17.62 4.18 -4.71
CA ASN A 272 18.42 5.02 -3.84
C ASN A 272 18.67 4.34 -2.49
N ASN A 273 19.13 3.10 -2.59
CA ASN A 273 19.55 2.29 -1.44
C ASN A 273 18.41 2.04 -0.46
N THR A 274 17.17 2.12 -0.93
CA THR A 274 16.00 1.74 -0.13
C THR A 274 15.28 0.62 -0.87
N LEU A 275 14.90 -0.43 -0.15
CA LEU A 275 14.16 -1.55 -0.73
C LEU A 275 12.67 -1.22 -0.70
N TRP A 276 12.07 -1.00 -1.87
CA TRP A 276 10.64 -0.72 -1.99
C TRP A 276 9.88 -1.97 -2.40
N GLU A 277 8.70 -2.15 -1.81
CA GLU A 277 7.72 -3.02 -2.43
C GLU A 277 7.40 -2.46 -3.82
N SER A 278 7.57 -3.28 -4.87
N SER A 278 7.58 -3.28 -4.86
CA SER A 278 7.43 -2.74 -6.22
CA SER A 278 7.43 -2.78 -6.23
C SER A 278 6.03 -2.16 -6.44
C SER A 278 6.04 -2.15 -6.44
N ASN A 279 5.00 -2.80 -5.89
CA ASN A 279 3.64 -2.32 -6.10
C ASN A 279 3.41 -0.92 -5.52
N THR A 280 4.11 -0.57 -4.43
CA THR A 280 3.98 0.77 -3.87
C THR A 280 4.53 1.81 -4.85
N ALA A 281 5.75 1.58 -5.34
CA ALA A 281 6.34 2.50 -6.32
C ALA A 281 5.45 2.60 -7.55
N ALA A 282 4.98 1.46 -8.07
CA ALA A 282 4.10 1.48 -9.24
C ALA A 282 2.85 2.32 -8.99
N ALA A 283 2.34 2.28 -7.75
CA ALA A 283 1.10 2.98 -7.43
C ALA A 283 1.27 4.50 -7.32
N PHE A 284 2.49 5.02 -7.21
CA PHE A 284 2.62 6.47 -7.41
C PHE A 284 3.38 6.86 -8.67
N LEU A 285 3.76 5.91 -9.52
CA LEU A 285 4.40 6.19 -10.80
C LEU A 285 3.47 5.91 -11.97
N ASN A 286 2.17 5.82 -11.72
CA ASN A 286 1.20 5.52 -12.77
C ASN A 286 0.34 6.74 -13.11
N ARG A 287 0.84 7.94 -12.80
CA ARG A 287 0.11 9.17 -13.08
C ARG A 287 0.56 9.74 -14.43
N LYS A 288 -0.40 10.26 -15.20
CA LYS A 288 -0.02 10.94 -16.44
C LYS A 288 0.33 12.40 -16.14
N SER A 289 0.59 13.17 -17.19
CA SER A 289 1.00 14.55 -17.01
C SER A 289 -0.09 15.31 -16.25
N GLN A 290 0.32 16.05 -15.23
CA GLN A 290 -0.63 16.64 -14.29
C GLN A 290 -1.59 17.62 -14.98
N PHE A 291 -1.05 18.50 -15.85
CA PHE A 291 -1.93 19.46 -16.52
C PHE A 291 -2.99 18.75 -17.36
N LEU A 292 -2.61 17.67 -18.04
CA LEU A 292 -3.56 16.90 -18.85
C LEU A 292 -4.58 16.19 -17.96
N TYR A 293 -4.13 15.70 -16.80
CA TYR A 293 -5.04 15.03 -15.87
C TYR A 293 -6.11 15.99 -15.37
N THR A 294 -5.69 17.13 -14.86
CA THR A 294 -6.62 18.03 -14.19
C THR A 294 -7.53 18.73 -15.19
N THR A 295 -7.05 19.03 -16.39
CA THR A 295 -7.92 19.72 -17.34
C THR A 295 -8.84 18.75 -18.09
N GLY A 296 -8.52 17.46 -18.09
CA GLY A 296 -9.32 16.50 -18.84
C GLY A 296 -10.47 15.94 -18.01
N LYS A 297 -11.44 16.79 -17.70
CA LYS A 297 -12.52 16.42 -16.79
C LYS A 297 -13.68 15.75 -17.50
N ALA B 1 16.81 5.68 -35.96
CA ALA B 1 18.08 5.22 -35.38
C ALA B 1 17.98 5.17 -33.86
N ASP B 2 18.68 4.21 -33.24
CA ASP B 2 18.80 4.17 -31.78
C ASP B 2 19.86 5.17 -31.36
N CYS B 3 19.42 6.31 -30.83
CA CYS B 3 20.36 7.38 -30.50
C CYS B 3 21.17 7.06 -29.27
N ALA B 4 20.54 6.46 -28.26
CA ALA B 4 21.22 6.15 -27.01
C ALA B 4 20.45 5.04 -26.32
N LYS B 5 21.18 4.20 -25.61
CA LYS B 5 20.57 3.12 -24.85
C LYS B 5 21.30 3.01 -23.52
N GLY B 6 20.54 2.95 -22.44
CA GLY B 6 21.13 2.83 -21.12
C GLY B 6 20.18 3.35 -20.06
N LYS B 7 20.73 3.50 -18.86
CA LYS B 7 19.97 4.05 -17.75
C LYS B 7 19.95 5.56 -17.84
N ILE B 8 18.89 6.17 -17.31
CA ILE B 8 18.81 7.63 -17.25
C ILE B 8 19.72 8.12 -16.13
N GLU B 9 20.75 8.90 -16.50
CA GLU B 9 21.71 9.39 -15.52
C GLU B 9 21.18 10.60 -14.75
N PHE B 10 20.41 11.46 -15.41
CA PHE B 10 19.63 12.48 -14.72
C PHE B 10 18.49 12.88 -15.63
N SER B 11 17.46 13.48 -15.05
CA SER B 11 16.38 14.07 -15.82
C SER B 11 16.20 15.50 -15.35
N LYS B 12 15.54 16.32 -16.18
CA LYS B 12 15.44 17.75 -15.85
C LYS B 12 14.20 18.34 -16.50
N TYR B 13 13.35 18.98 -15.69
CA TYR B 13 12.24 19.76 -16.22
C TYR B 13 12.77 21.14 -16.57
N ASN B 14 12.46 21.62 -17.77
CA ASN B 14 13.06 22.84 -18.29
C ASN B 14 12.06 23.99 -18.28
N GLU B 15 12.60 25.22 -18.30
CA GLU B 15 11.74 26.39 -18.20
C GLU B 15 10.79 26.51 -19.38
N ASP B 16 11.09 25.90 -20.51
CA ASP B 16 10.20 25.95 -21.66
C ASP B 16 9.22 24.79 -21.67
N ASP B 17 9.08 24.09 -20.54
CA ASP B 17 8.21 22.94 -20.33
C ASP B 17 8.63 21.71 -21.14
N THR B 18 9.85 21.69 -21.67
CA THR B 18 10.38 20.43 -22.20
C THR B 18 11.05 19.66 -21.07
N PHE B 19 11.56 18.48 -21.41
CA PHE B 19 12.12 17.55 -20.44
C PHE B 19 13.37 16.92 -21.01
N THR B 20 14.47 16.98 -20.27
CA THR B 20 15.76 16.47 -20.70
C THR B 20 16.13 15.22 -19.91
N VAL B 21 16.72 14.24 -20.59
CA VAL B 21 17.32 13.10 -19.93
C VAL B 21 18.72 12.93 -20.47
N LYS B 22 19.61 12.42 -19.62
CA LYS B 22 20.96 12.08 -20.04
C LYS B 22 21.07 10.57 -20.07
N VAL B 23 21.43 10.01 -21.22
CA VAL B 23 21.51 8.57 -21.42
C VAL B 23 22.85 8.26 -22.08
N ASP B 24 23.61 7.35 -21.50
CA ASP B 24 24.90 6.91 -22.07
C ASP B 24 25.76 8.12 -22.44
N GLY B 25 25.83 9.09 -21.54
CA GLY B 25 26.69 10.23 -21.70
C GLY B 25 26.17 11.34 -22.59
N LYS B 26 24.97 11.21 -23.16
CA LYS B 26 24.46 12.22 -24.07
C LYS B 26 23.11 12.76 -23.58
N GLU B 27 22.87 14.04 -23.80
CA GLU B 27 21.63 14.68 -23.38
C GLU B 27 20.66 14.81 -24.54
N TYR B 28 19.39 14.53 -24.26
CA TYR B 28 18.31 14.67 -25.24
C TYR B 28 17.11 15.28 -24.54
N TRP B 29 16.28 15.97 -25.30
CA TRP B 29 15.09 16.58 -24.74
C TRP B 29 13.87 16.18 -25.54
N THR B 30 12.71 16.20 -24.87
CA THR B 30 11.44 15.97 -25.55
C THR B 30 10.43 17.02 -25.13
N SER B 31 9.58 17.43 -26.08
CA SER B 31 8.48 18.35 -25.78
C SER B 31 7.18 17.62 -25.42
N ARG B 32 7.14 16.29 -25.47
CA ARG B 32 5.90 15.57 -25.23
C ARG B 32 5.68 15.44 -23.73
N TRP B 33 4.62 16.07 -23.21
CA TRP B 33 4.46 16.14 -21.76
C TRP B 33 4.24 14.78 -21.13
N ASN B 34 3.55 13.85 -21.82
CA ASN B 34 3.31 12.58 -21.15
C ASN B 34 4.59 11.78 -20.99
N LEU B 35 5.67 12.12 -21.71
CA LEU B 35 6.93 11.44 -21.48
C LEU B 35 7.59 11.86 -20.18
N GLN B 36 7.14 12.97 -19.57
CA GLN B 36 7.77 13.39 -18.32
C GLN B 36 7.60 12.35 -17.22
N PRO B 37 6.37 11.92 -16.85
CA PRO B 37 6.28 10.83 -15.86
C PRO B 37 6.88 9.52 -16.35
N LEU B 38 6.69 9.18 -17.63
CA LEU B 38 7.24 7.92 -18.13
C LEU B 38 8.75 7.88 -17.97
N LEU B 39 9.43 8.99 -18.28
CA LEU B 39 10.88 8.98 -18.15
C LEU B 39 11.29 8.98 -16.68
N GLN B 40 10.57 9.74 -15.83
CA GLN B 40 11.02 9.79 -14.45
C GLN B 40 10.83 8.44 -13.78
N SER B 41 9.71 7.77 -14.11
CA SER B 41 9.51 6.41 -13.63
C SER B 41 10.66 5.52 -14.07
N ALA B 42 11.03 5.60 -15.36
CA ALA B 42 12.11 4.73 -15.84
C ALA B 42 13.38 5.03 -15.07
N GLN B 43 13.60 6.30 -14.74
CA GLN B 43 14.83 6.65 -14.04
C GLN B 43 14.81 6.09 -12.62
N LEU B 44 13.64 6.12 -11.98
CA LEU B 44 13.59 5.70 -10.59
C LEU B 44 13.68 4.20 -10.45
N THR B 45 13.10 3.44 -11.38
CA THR B 45 13.07 1.99 -11.25
C THR B 45 14.21 1.31 -11.98
N GLY B 46 15.11 2.07 -12.61
CA GLY B 46 16.26 1.49 -13.26
C GLY B 46 16.01 0.85 -14.60
N MET B 47 15.02 1.35 -15.36
CA MET B 47 14.78 0.80 -16.68
C MET B 47 15.90 1.17 -17.63
N THR B 48 16.17 0.27 -18.58
CA THR B 48 16.96 0.65 -19.75
C THR B 48 16.04 1.35 -20.75
N VAL B 49 16.40 2.56 -21.16
CA VAL B 49 15.64 3.28 -22.18
C VAL B 49 16.47 3.32 -23.45
N THR B 50 15.77 3.27 -24.59
CA THR B 50 16.39 3.43 -25.89
C THR B 50 15.77 4.64 -26.57
N ILE B 51 16.53 5.74 -26.66
CA ILE B 51 16.08 6.95 -27.34
C ILE B 51 16.19 6.72 -28.83
N LYS B 52 15.11 6.98 -29.56
CA LYS B 52 15.07 6.75 -30.99
C LYS B 52 14.65 8.04 -31.69
N SER B 53 15.20 8.27 -32.87
CA SER B 53 14.92 9.52 -33.59
C SER B 53 15.45 9.40 -35.00
N SER B 54 14.83 10.18 -35.90
CA SER B 54 15.26 10.21 -37.29
C SER B 54 16.73 10.61 -37.40
N THR B 55 17.12 11.66 -36.68
CA THR B 55 18.51 12.03 -36.50
C THR B 55 18.79 12.11 -35.00
N CYS B 56 20.04 11.90 -34.62
CA CYS B 56 20.36 11.73 -33.21
C CYS B 56 21.31 12.80 -32.68
N SER B 60 19.63 16.98 -29.26
CA SER B 60 18.43 17.39 -30.00
C SER B 60 17.19 16.70 -29.45
N GLY B 61 16.06 16.87 -30.16
CA GLY B 61 14.77 16.43 -29.67
C GLY B 61 14.44 14.98 -30.02
N PHE B 62 13.58 14.38 -29.21
CA PHE B 62 13.11 13.03 -29.49
C PHE B 62 11.65 12.91 -29.06
N ALA B 63 10.97 11.93 -29.68
CA ALA B 63 9.58 11.64 -29.33
C ALA B 63 9.29 10.15 -29.48
N GLU B 64 10.32 9.31 -29.55
CA GLU B 64 10.19 7.86 -29.53
C GLU B 64 11.20 7.32 -28.52
N VAL B 65 10.74 6.47 -27.61
CA VAL B 65 11.66 5.89 -26.64
C VAL B 65 11.09 4.56 -26.16
N GLN B 66 11.94 3.54 -26.13
CA GLN B 66 11.55 2.22 -25.67
C GLN B 66 11.97 2.06 -24.21
N PHE B 67 11.15 1.35 -23.44
CA PHE B 67 11.38 1.11 -22.01
C PHE B 67 11.50 -0.39 -21.76
N ASN B 68 12.57 -0.80 -21.10
CA ASN B 68 12.80 -2.19 -20.71
C ASN B 68 13.11 -2.27 -19.23
N ASN B 69 12.51 -3.21 -18.52
CA ASN B 69 12.96 -3.50 -17.17
C ASN B 69 14.41 -3.99 -17.23
N ASP B 70 15.18 -3.71 -16.18
CA ASP B 70 16.59 -4.07 -16.22
C ASP B 70 16.80 -5.59 -16.21
N ALA C 1 -11.39 -9.80 -29.79
CA ALA C 1 -10.83 -11.06 -29.31
C ALA C 1 -9.75 -10.79 -28.26
N ASP C 2 -9.52 -11.76 -27.37
CA ASP C 2 -8.39 -11.69 -26.45
C ASP C 2 -7.14 -12.11 -27.21
N CYS C 3 -6.28 -11.14 -27.54
CA CYS C 3 -5.17 -11.39 -28.45
C CYS C 3 -3.93 -11.91 -27.74
N ALA C 4 -3.65 -11.40 -26.54
CA ALA C 4 -2.40 -11.75 -25.88
C ALA C 4 -2.60 -11.54 -24.39
N LYS C 5 -2.17 -12.49 -23.59
CA LYS C 5 -2.26 -12.36 -22.14
C LYS C 5 -0.89 -12.69 -21.56
N GLY C 6 -0.33 -11.76 -20.80
CA GLY C 6 0.96 -12.00 -20.19
C GLY C 6 1.56 -10.69 -19.70
N LYS C 7 2.82 -10.78 -19.29
CA LYS C 7 3.53 -9.58 -18.85
C LYS C 7 4.00 -8.77 -20.04
N ILE C 8 4.16 -7.46 -19.81
CA ILE C 8 4.66 -6.55 -20.83
C ILE C 8 6.17 -6.72 -20.96
N GLU C 9 6.62 -7.13 -22.16
CA GLU C 9 8.03 -7.43 -22.38
C GLU C 9 8.84 -6.16 -22.67
N PHE C 10 8.24 -5.17 -23.31
CA PHE C 10 8.77 -3.83 -23.39
C PHE C 10 7.61 -2.90 -23.72
N SER C 11 7.82 -1.60 -23.50
CA SER C 11 6.85 -0.61 -23.94
C SER C 11 7.59 0.48 -24.69
N LYS C 12 6.86 1.24 -25.50
CA LYS C 12 7.51 2.23 -26.33
C LYS C 12 6.54 3.38 -26.56
N TYR C 13 7.01 4.59 -26.32
CA TYR C 13 6.29 5.80 -26.70
C TYR C 13 6.65 6.13 -28.15
N ASN C 14 5.65 6.43 -28.97
CA ASN C 14 5.82 6.54 -30.41
C ASN C 14 5.72 7.99 -30.88
N GLU C 15 6.35 8.26 -32.03
CA GLU C 15 6.39 9.61 -32.58
C GLU C 15 5.00 10.19 -32.79
N ASP C 16 4.01 9.36 -33.11
CA ASP C 16 2.65 9.86 -33.32
C ASP C 16 1.85 9.93 -32.02
N ASP C 17 2.52 9.81 -30.87
CA ASP C 17 1.95 9.84 -29.52
C ASP C 17 1.16 8.59 -29.17
N THR C 18 1.13 7.58 -30.04
CA THR C 18 0.60 6.30 -29.61
C THR C 18 1.63 5.60 -28.72
N PHE C 19 1.24 4.45 -28.16
CA PHE C 19 2.04 3.77 -27.15
C PHE C 19 1.98 2.27 -27.42
N THR C 20 3.13 1.62 -27.48
CA THR C 20 3.23 0.23 -27.89
C THR C 20 3.66 -0.63 -26.71
N VAL C 21 3.03 -1.81 -26.58
CA VAL C 21 3.48 -2.83 -25.64
C VAL C 21 3.69 -4.14 -26.39
N LYS C 22 4.70 -4.91 -25.96
CA LYS C 22 4.91 -6.26 -26.44
C LYS C 22 4.42 -7.24 -25.38
N VAL C 23 3.44 -8.07 -25.74
CA VAL C 23 2.82 -9.04 -24.84
C VAL C 23 2.75 -10.38 -25.54
N ASP C 24 3.23 -11.43 -24.87
CA ASP C 24 3.23 -12.78 -25.45
C ASP C 24 3.86 -12.78 -26.84
N GLY C 25 4.98 -12.05 -26.98
CA GLY C 25 5.76 -12.06 -28.20
C GLY C 25 5.22 -11.23 -29.36
N LYS C 26 4.14 -10.49 -29.16
CA LYS C 26 3.52 -9.71 -30.22
C LYS C 26 3.37 -8.26 -29.77
N GLU C 27 3.54 -7.33 -30.71
CA GLU C 27 3.49 -5.90 -30.43
C GLU C 27 2.11 -5.35 -30.72
N TYR C 28 1.62 -4.47 -29.84
CA TYR C 28 0.32 -3.81 -30.01
C TYR C 28 0.46 -2.34 -29.64
N TRP C 29 -0.25 -1.47 -30.37
CA TRP C 29 -0.20 -0.04 -30.11
C TRP C 29 -1.58 0.48 -29.73
N THR C 30 -1.60 1.54 -28.92
CA THR C 30 -2.85 2.17 -28.55
C THR C 30 -2.73 3.68 -28.64
N SER C 31 -3.79 4.32 -29.09
CA SER C 31 -3.86 5.78 -29.06
C SER C 31 -4.57 6.32 -27.83
N ARG C 32 -4.98 5.47 -26.90
CA ARG C 32 -5.61 5.94 -25.66
C ARG C 32 -4.52 6.51 -24.75
N TRP C 33 -4.52 7.83 -24.59
CA TRP C 33 -3.49 8.52 -23.81
C TRP C 33 -3.40 8.00 -22.38
N ASN C 34 -4.56 7.77 -21.75
CA ASN C 34 -4.56 7.38 -20.35
C ASN C 34 -3.92 6.03 -20.11
N LEU C 35 -3.83 5.19 -21.15
CA LEU C 35 -3.20 3.89 -20.96
C LEU C 35 -1.69 3.99 -20.81
N GLN C 36 -1.06 5.13 -21.15
CA GLN C 36 0.40 5.12 -21.17
C GLN C 36 1.00 4.89 -19.78
N PRO C 37 0.68 5.68 -18.75
CA PRO C 37 1.28 5.38 -17.44
C PRO C 37 0.74 4.10 -16.83
N LEU C 38 -0.53 3.79 -17.08
CA LEU C 38 -1.11 2.56 -16.53
C LEU C 38 -0.38 1.33 -17.05
N LEU C 39 -0.08 1.30 -18.35
CA LEU C 39 0.67 0.17 -18.88
C LEU C 39 2.09 0.16 -18.33
N GLN C 40 2.74 1.34 -18.21
CA GLN C 40 4.13 1.31 -17.76
C GLN C 40 4.22 0.81 -16.32
N SER C 41 3.29 1.23 -15.46
N SER C 41 3.30 1.24 -15.46
CA SER C 41 3.31 0.72 -14.10
CA SER C 41 3.29 0.72 -14.10
C SER C 41 3.07 -0.79 -14.08
C SER C 41 3.06 -0.79 -14.09
N ALA C 42 2.14 -1.27 -14.92
CA ALA C 42 1.94 -2.72 -14.99
C ALA C 42 3.25 -3.38 -15.39
N GLN C 43 3.93 -2.78 -16.38
CA GLN C 43 5.20 -3.31 -16.83
C GLN C 43 6.19 -3.38 -15.68
N LEU C 44 6.26 -2.31 -14.88
CA LEU C 44 7.36 -2.33 -13.92
C LEU C 44 7.10 -3.33 -12.80
N THR C 45 5.85 -3.74 -12.60
CA THR C 45 5.57 -4.61 -11.48
C THR C 45 5.32 -6.05 -11.92
N GLY C 46 5.39 -6.32 -13.22
CA GLY C 46 5.13 -7.66 -13.71
C GLY C 46 3.67 -8.01 -13.73
N MET C 47 2.80 -7.02 -13.79
CA MET C 47 1.36 -7.27 -13.83
C MET C 47 0.97 -7.88 -15.17
N THR C 48 0.18 -8.94 -15.12
CA THR C 48 -0.32 -9.57 -16.33
C THR C 48 -1.40 -8.69 -16.96
N VAL C 49 -1.33 -8.48 -18.26
CA VAL C 49 -2.39 -7.75 -18.97
C VAL C 49 -2.96 -8.64 -20.08
N THR C 50 -4.22 -8.40 -20.43
CA THR C 50 -4.86 -9.05 -21.57
C THR C 50 -5.19 -7.99 -22.61
N ILE C 51 -4.54 -8.07 -23.77
CA ILE C 51 -4.77 -7.13 -24.88
C ILE C 51 -5.96 -7.63 -25.68
N LYS C 52 -6.93 -6.74 -25.93
CA LYS C 52 -8.15 -7.12 -26.64
C LYS C 52 -8.27 -6.27 -27.91
N SER C 53 -8.48 -6.93 -29.05
CA SER C 53 -8.49 -6.22 -30.32
C SER C 53 -9.24 -7.02 -31.38
N SER C 54 -9.62 -6.31 -32.45
CA SER C 54 -10.24 -6.95 -33.62
C SER C 54 -9.28 -7.89 -34.34
N THR C 55 -7.97 -7.58 -34.32
CA THR C 55 -6.95 -8.39 -34.96
C THR C 55 -5.81 -8.61 -33.99
N CYS C 56 -5.19 -9.78 -34.06
CA CYS C 56 -4.22 -10.16 -33.03
C CYS C 56 -2.80 -10.27 -33.55
N GLU C 57 -2.59 -10.09 -34.85
CA GLU C 57 -1.24 -10.09 -35.39
C GLU C 57 -0.39 -9.01 -34.73
N SER C 58 0.88 -9.32 -34.54
CA SER C 58 1.83 -8.28 -34.15
C SER C 58 1.66 -7.06 -35.06
N GLY C 59 1.64 -5.88 -34.44
CA GLY C 59 1.40 -4.65 -35.16
C GLY C 59 -0.02 -4.16 -35.15
N SER C 60 -0.94 -4.85 -34.47
CA SER C 60 -2.33 -4.46 -34.38
C SER C 60 -2.54 -3.37 -33.32
N GLY C 61 -3.63 -2.59 -33.50
CA GLY C 61 -4.00 -1.61 -32.50
C GLY C 61 -4.98 -2.16 -31.47
N PHE C 62 -5.01 -1.52 -30.31
CA PHE C 62 -6.01 -1.88 -29.30
C PHE C 62 -6.51 -0.62 -28.61
N ALA C 63 -7.74 -0.69 -28.14
CA ALA C 63 -8.35 0.36 -27.35
C ALA C 63 -8.92 -0.20 -26.04
N GLU C 64 -8.64 -1.46 -25.73
CA GLU C 64 -9.22 -2.14 -24.58
C GLU C 64 -8.19 -3.08 -24.01
N VAL C 65 -8.00 -3.05 -22.69
CA VAL C 65 -7.00 -3.90 -22.05
C VAL C 65 -7.44 -4.18 -20.62
N GLN C 66 -7.26 -5.42 -20.18
CA GLN C 66 -7.58 -5.82 -18.81
C GLN C 66 -6.30 -5.99 -18.01
N PHE C 67 -6.30 -5.45 -16.79
CA PHE C 67 -5.17 -5.56 -15.87
C PHE C 67 -5.53 -6.64 -14.85
N ASN C 68 -4.80 -7.75 -14.88
CA ASN C 68 -5.08 -8.92 -14.06
C ASN C 68 -4.17 -9.00 -12.85
N ASN C 69 -4.58 -9.82 -11.88
CA ASN C 69 -3.81 -10.03 -10.66
C ASN C 69 -3.02 -11.35 -10.69
N ASP C 70 -2.99 -12.05 -11.82
CA ASP C 70 -2.22 -13.29 -11.94
C ASP C 70 -0.76 -13.09 -11.52
N ALA D 1 -26.42 3.41 -2.62
CA ALA D 1 -26.23 2.21 -1.81
C ALA D 1 -24.77 1.78 -1.78
N ASP D 2 -24.35 1.11 -0.70
CA ASP D 2 -23.04 0.47 -0.69
C ASP D 2 -23.14 -0.82 -1.48
N CYS D 3 -22.56 -0.83 -2.69
CA CYS D 3 -22.70 -1.95 -3.61
C CYS D 3 -21.70 -3.05 -3.32
N ALA D 4 -20.45 -2.68 -3.06
CA ALA D 4 -19.38 -3.64 -2.97
C ALA D 4 -18.26 -3.03 -2.14
N LYS D 5 -17.66 -3.86 -1.30
CA LYS D 5 -16.51 -3.41 -0.51
C LYS D 5 -15.51 -4.55 -0.52
N GLY D 6 -14.32 -4.29 -1.08
CA GLY D 6 -13.34 -5.34 -1.23
C GLY D 6 -12.19 -4.87 -2.08
N LYS D 7 -11.32 -5.82 -2.40
CA LYS D 7 -10.16 -5.53 -3.23
C LYS D 7 -10.53 -5.65 -4.70
N ILE D 8 -9.81 -4.92 -5.53
CA ILE D 8 -10.05 -4.93 -6.97
C ILE D 8 -9.45 -6.19 -7.54
N GLU D 9 -10.31 -7.07 -8.08
CA GLU D 9 -9.88 -8.35 -8.62
C GLU D 9 -9.31 -8.21 -10.03
N PHE D 10 -9.86 -7.30 -10.83
CA PHE D 10 -9.20 -6.85 -12.05
C PHE D 10 -9.73 -5.47 -12.40
N SER D 11 -9.01 -4.79 -13.29
CA SER D 11 -9.50 -3.55 -13.86
C SER D 11 -9.42 -3.64 -15.38
N LYS D 12 -10.22 -2.82 -16.06
CA LYS D 12 -10.23 -2.89 -17.52
C LYS D 12 -10.50 -1.50 -18.09
N TYR D 13 -9.69 -1.10 -19.06
CA TYR D 13 -9.95 0.11 -19.84
C TYR D 13 -10.85 -0.27 -21.01
N ASN D 14 -12.01 0.37 -21.11
CA ASN D 14 -13.04 -0.03 -22.06
C ASN D 14 -12.96 0.78 -23.35
N GLU D 15 -13.58 0.24 -24.39
CA GLU D 15 -13.53 0.87 -25.71
C GLU D 15 -14.18 2.26 -25.70
N ASP D 16 -15.17 2.48 -24.84
CA ASP D 16 -15.80 3.79 -24.74
C ASP D 16 -15.06 4.72 -23.78
N ASP D 17 -13.85 4.33 -23.35
CA ASP D 17 -12.97 5.08 -22.47
C ASP D 17 -13.43 5.10 -21.02
N THR D 18 -14.50 4.40 -20.65
CA THR D 18 -14.78 4.19 -19.24
C THR D 18 -13.84 3.12 -18.68
N PHE D 19 -13.92 2.93 -17.36
CA PHE D 19 -12.96 2.11 -16.64
C PHE D 19 -13.74 1.18 -15.71
N THR D 20 -13.48 -0.11 -15.81
CA THR D 20 -14.24 -1.09 -15.04
C THR D 20 -13.35 -1.73 -13.98
N VAL D 21 -13.91 -1.94 -12.80
CA VAL D 21 -13.26 -2.73 -11.76
C VAL D 21 -14.19 -3.85 -11.34
N LYS D 22 -13.61 -4.99 -10.96
CA LYS D 22 -14.38 -6.09 -10.40
C LYS D 22 -14.10 -6.10 -8.89
N VAL D 23 -15.16 -5.99 -8.09
CA VAL D 23 -15.05 -5.94 -6.65
C VAL D 23 -16.13 -6.84 -6.07
N ASP D 24 -15.74 -7.74 -5.17
CA ASP D 24 -16.67 -8.68 -4.53
C ASP D 24 -17.53 -9.40 -5.56
N GLY D 25 -16.89 -9.84 -6.64
CA GLY D 25 -17.53 -10.67 -7.62
C GLY D 25 -18.40 -9.95 -8.63
N LYS D 26 -18.49 -8.63 -8.57
CA LYS D 26 -19.36 -7.85 -9.46
C LYS D 26 -18.54 -6.79 -10.17
N GLU D 27 -18.93 -6.47 -11.40
CA GLU D 27 -18.23 -5.50 -12.23
C GLU D 27 -18.96 -4.17 -12.21
N TYR D 28 -18.18 -3.08 -12.10
CA TYR D 28 -18.70 -1.72 -12.04
C TYR D 28 -17.85 -0.84 -12.93
N TRP D 29 -18.47 0.08 -13.67
CA TRP D 29 -17.74 0.94 -14.58
C TRP D 29 -17.90 2.39 -14.14
N THR D 30 -16.90 3.21 -14.47
CA THR D 30 -17.00 4.62 -14.19
C THR D 30 -16.47 5.42 -15.38
N SER D 31 -17.18 6.51 -15.72
CA SER D 31 -16.66 7.43 -16.72
C SER D 31 -15.84 8.56 -16.13
N ARG D 32 -15.65 8.59 -14.81
CA ARG D 32 -14.95 9.70 -14.17
C ARG D 32 -13.46 9.59 -14.46
N TRP D 33 -12.92 10.53 -15.24
CA TRP D 33 -11.55 10.41 -15.70
C TRP D 33 -10.55 10.42 -14.54
N ASN D 34 -10.86 11.19 -13.48
CA ASN D 34 -9.95 11.31 -12.34
C ASN D 34 -9.72 9.97 -11.67
N LEU D 35 -10.68 9.05 -11.77
CA LEU D 35 -10.59 7.82 -11.00
C LEU D 35 -9.65 6.80 -11.63
N GLN D 36 -9.25 6.96 -12.90
CA GLN D 36 -8.51 5.84 -13.51
C GLN D 36 -7.18 5.54 -12.81
N PRO D 37 -6.26 6.50 -12.62
CA PRO D 37 -5.03 6.15 -11.88
C PRO D 37 -5.32 5.71 -10.45
N LEU D 38 -6.28 6.36 -9.79
CA LEU D 38 -6.55 6.05 -8.39
C LEU D 38 -7.01 4.60 -8.26
N LEU D 39 -7.90 4.16 -9.15
CA LEU D 39 -8.35 2.78 -9.08
C LEU D 39 -7.21 1.81 -9.35
N GLN D 40 -6.35 2.12 -10.34
CA GLN D 40 -5.25 1.20 -10.57
C GLN D 40 -4.32 1.18 -9.35
N SER D 41 -4.13 2.34 -8.72
CA SER D 41 -3.26 2.37 -7.55
C SER D 41 -3.83 1.49 -6.45
N ALA D 42 -5.16 1.57 -6.25
CA ALA D 42 -5.83 0.68 -5.30
C ALA D 42 -5.56 -0.78 -5.64
N GLN D 43 -5.74 -1.14 -6.91
CA GLN D 43 -5.55 -2.53 -7.30
C GLN D 43 -4.12 -2.97 -7.02
N LEU D 44 -3.16 -2.07 -7.27
CA LEU D 44 -1.75 -2.43 -7.13
C LEU D 44 -1.40 -2.67 -5.67
N THR D 45 -2.03 -1.94 -4.76
CA THR D 45 -1.66 -2.05 -3.36
C THR D 45 -2.66 -2.88 -2.58
N GLY D 46 -3.62 -3.49 -3.28
CA GLY D 46 -4.64 -4.26 -2.60
C GLY D 46 -5.49 -3.47 -1.63
N MET D 47 -5.75 -2.19 -1.91
CA MET D 47 -6.60 -1.39 -1.04
C MET D 47 -8.03 -1.87 -1.11
N THR D 48 -8.69 -1.90 0.04
CA THR D 48 -10.14 -2.14 0.05
C THR D 48 -10.85 -0.89 -0.47
N VAL D 49 -11.68 -1.06 -1.49
CA VAL D 49 -12.47 0.06 -2.01
C VAL D 49 -13.94 -0.24 -1.76
N THR D 50 -14.70 0.83 -1.55
CA THR D 50 -16.14 0.75 -1.37
C THR D 50 -16.79 1.45 -2.56
N ILE D 51 -17.51 0.67 -3.37
CA ILE D 51 -18.24 1.19 -4.53
C ILE D 51 -19.64 1.55 -4.06
N LYS D 52 -20.04 2.81 -4.28
CA LYS D 52 -21.37 3.27 -3.90
C LYS D 52 -22.11 3.71 -5.17
N SER D 53 -23.35 3.24 -5.34
CA SER D 53 -24.11 3.64 -6.52
C SER D 53 -25.59 3.40 -6.26
N SER D 54 -26.42 4.02 -7.13
CA SER D 54 -27.86 3.90 -6.99
C SER D 54 -28.39 2.52 -7.39
N THR D 55 -27.67 1.79 -8.24
CA THR D 55 -27.94 0.38 -8.53
C THR D 55 -26.68 -0.41 -8.30
N CYS D 56 -26.81 -1.65 -7.81
CA CYS D 56 -25.63 -2.44 -7.45
C CYS D 56 -25.47 -3.73 -8.25
N GLU D 57 -26.38 -4.00 -9.19
CA GLU D 57 -26.21 -5.15 -10.06
C GLU D 57 -24.90 -5.03 -10.82
N SER D 58 -24.27 -6.18 -11.06
CA SER D 58 -23.05 -6.20 -11.86
C SER D 58 -23.35 -5.54 -13.20
N GLY D 59 -22.44 -4.69 -13.67
CA GLY D 59 -22.70 -3.89 -14.85
C GLY D 59 -23.22 -2.49 -14.59
N SER D 60 -23.41 -2.12 -13.32
CA SER D 60 -23.86 -0.78 -12.96
C SER D 60 -22.70 0.20 -13.04
N GLY D 61 -23.04 1.46 -13.27
CA GLY D 61 -22.05 2.51 -13.22
C GLY D 61 -21.91 3.11 -11.83
N PHE D 62 -20.78 3.80 -11.61
CA PHE D 62 -20.58 4.49 -10.34
C PHE D 62 -19.73 5.74 -10.56
N ALA D 63 -19.87 6.66 -9.62
CA ALA D 63 -19.04 7.86 -9.61
C ALA D 63 -18.47 8.11 -8.23
N GLU D 64 -18.80 7.28 -7.24
CA GLU D 64 -18.42 7.49 -5.85
C GLU D 64 -17.69 6.25 -5.36
N VAL D 65 -16.50 6.45 -4.79
CA VAL D 65 -15.70 5.32 -4.32
C VAL D 65 -14.84 5.79 -3.15
N GLN D 66 -14.77 4.96 -2.11
CA GLN D 66 -13.91 5.23 -0.96
C GLN D 66 -12.71 4.30 -1.02
N PHE D 67 -11.54 4.85 -0.67
CA PHE D 67 -10.28 4.11 -0.66
C PHE D 67 -9.87 3.93 0.79
N ASN D 68 -9.86 2.69 1.25
CA ASN D 68 -9.58 2.37 2.64
C ASN D 68 -8.19 1.76 2.80
N ASN D 69 -7.65 1.86 4.02
CA ASN D 69 -6.36 1.23 4.32
C ASN D 69 -6.53 -0.17 4.91
N ASP D 70 -7.74 -0.54 5.32
CA ASP D 70 -7.93 -1.80 6.02
C ASP D 70 -8.59 -2.86 5.13
N ALA E 1 -4.19 28.46 8.78
CA ALA E 1 -4.16 27.68 10.01
C ALA E 1 -3.95 26.21 9.69
N ASP E 2 -3.33 25.49 10.60
CA ASP E 2 -3.13 24.06 10.45
C ASP E 2 -4.36 23.35 10.99
N CYS E 3 -5.16 22.74 10.10
CA CYS E 3 -6.44 22.13 10.47
C CYS E 3 -6.27 20.72 11.02
N ALA E 4 -5.36 19.95 10.44
CA ALA E 4 -5.20 18.55 10.80
C ALA E 4 -3.81 18.10 10.34
N LYS E 5 -3.18 17.25 11.15
CA LYS E 5 -1.87 16.71 10.80
C LYS E 5 -1.83 15.22 11.12
N GLY E 6 -1.44 14.42 10.15
CA GLY E 6 -1.38 12.99 10.36
C GLY E 6 -1.35 12.25 9.04
N LYS E 7 -1.39 10.92 9.14
CA LYS E 7 -1.54 10.12 7.94
C LYS E 7 -3.00 10.13 7.49
N ILE E 8 -3.21 9.82 6.21
CA ILE E 8 -4.56 9.83 5.67
C ILE E 8 -5.26 8.53 6.04
N GLU E 9 -6.37 8.63 6.76
CA GLU E 9 -7.07 7.43 7.21
C GLU E 9 -7.90 6.81 6.10
N PHE E 10 -8.59 7.64 5.32
CA PHE E 10 -9.22 7.17 4.10
C PHE E 10 -9.37 8.37 3.18
N SER E 11 -9.60 8.09 1.89
CA SER E 11 -9.96 9.11 0.93
C SER E 11 -11.20 8.63 0.17
N LYS E 12 -11.94 9.59 -0.39
CA LYS E 12 -13.18 9.23 -1.06
C LYS E 12 -13.53 10.28 -2.11
N TYR E 13 -13.83 9.84 -3.31
CA TYR E 13 -14.35 10.72 -4.35
C TYR E 13 -15.87 10.61 -4.37
N ASN E 14 -16.55 11.75 -4.35
CA ASN E 14 -17.99 11.79 -4.23
C ASN E 14 -18.64 12.14 -5.57
N GLU E 15 -19.91 11.76 -5.73
CA GLU E 15 -20.63 12.00 -6.98
C GLU E 15 -20.65 13.48 -7.34
N ASP E 16 -20.63 14.37 -6.35
CA ASP E 16 -20.66 15.81 -6.58
C ASP E 16 -19.27 16.40 -6.85
N ASP E 17 -18.29 15.59 -7.26
CA ASP E 17 -16.97 16.06 -7.66
C ASP E 17 -16.22 16.74 -6.51
N THR E 18 -16.32 16.17 -5.32
CA THR E 18 -15.48 16.54 -4.19
C THR E 18 -14.65 15.33 -3.77
N PHE E 19 -13.49 15.59 -3.19
CA PHE E 19 -12.55 14.54 -2.77
C PHE E 19 -12.29 14.72 -1.29
N THR E 20 -12.80 13.79 -0.48
CA THR E 20 -12.68 13.84 0.97
C THR E 20 -11.47 13.07 1.44
N VAL E 21 -10.74 13.62 2.41
CA VAL E 21 -9.75 12.85 3.14
C VAL E 21 -10.06 12.98 4.62
N LYS E 22 -9.72 11.94 5.39
CA LYS E 22 -9.81 11.98 6.84
C LYS E 22 -8.41 11.97 7.41
N VAL E 23 -8.11 12.95 8.26
CA VAL E 23 -6.79 13.13 8.85
C VAL E 23 -7.00 13.44 10.33
N ASP E 24 -6.40 12.65 11.21
CA ASP E 24 -6.47 12.89 12.66
C ASP E 24 -7.92 13.05 13.13
N GLY E 25 -8.77 12.12 12.68
CA GLY E 25 -10.16 12.10 13.10
C GLY E 25 -11.08 13.12 12.45
N LYS E 26 -10.59 13.95 11.52
CA LYS E 26 -11.37 15.03 10.94
C LYS E 26 -11.43 14.90 9.42
N GLU E 27 -12.59 15.21 8.85
CA GLU E 27 -12.80 15.09 7.40
C GLU E 27 -12.82 16.46 6.75
N TYR E 28 -12.13 16.58 5.62
CA TYR E 28 -12.10 17.78 4.79
C TYR E 28 -12.17 17.35 3.34
N TRP E 29 -12.54 18.28 2.45
CA TRP E 29 -12.69 17.94 1.04
C TRP E 29 -12.02 18.98 0.16
N THR E 30 -11.67 18.56 -1.04
CA THR E 30 -11.13 19.47 -2.04
C THR E 30 -11.67 19.07 -3.40
N SER E 31 -11.88 20.07 -4.25
CA SER E 31 -12.27 19.79 -5.63
C SER E 31 -11.15 20.10 -6.61
N ARG E 32 -9.95 20.40 -6.11
CA ARG E 32 -8.78 20.50 -6.96
C ARG E 32 -8.36 19.11 -7.41
N TRP E 33 -8.55 18.79 -8.70
CA TRP E 33 -8.13 17.48 -9.16
C TRP E 33 -6.63 17.30 -9.03
N ASN E 34 -5.85 18.39 -9.10
CA ASN E 34 -4.41 18.30 -8.87
C ASN E 34 -4.13 17.53 -7.59
N LEU E 35 -4.96 17.71 -6.58
CA LEU E 35 -4.68 17.12 -5.27
C LEU E 35 -5.08 15.66 -5.17
N GLN E 36 -5.88 15.13 -6.10
CA GLN E 36 -6.29 13.73 -5.95
C GLN E 36 -5.11 12.77 -6.03
N PRO E 37 -4.27 12.77 -7.08
CA PRO E 37 -3.12 11.84 -7.05
C PRO E 37 -2.12 12.17 -5.96
N LEU E 38 -1.93 13.45 -5.65
CA LEU E 38 -1.01 13.83 -4.58
C LEU E 38 -1.49 13.26 -3.25
N LEU E 39 -2.78 13.44 -2.94
CA LEU E 39 -3.30 12.94 -1.67
C LEU E 39 -3.30 11.41 -1.63
N GLN E 40 -3.75 10.76 -2.72
CA GLN E 40 -3.79 9.30 -2.69
C GLN E 40 -2.40 8.70 -2.57
N SER E 41 -1.42 9.24 -3.30
CA SER E 41 -0.04 8.80 -3.12
C SER E 41 0.38 8.98 -1.67
N ALA E 42 0.05 10.14 -1.08
CA ALA E 42 0.39 10.36 0.32
C ALA E 42 -0.26 9.30 1.19
N GLN E 43 -1.51 8.92 0.87
CA GLN E 43 -2.19 7.91 1.66
C GLN E 43 -1.51 6.55 1.53
N LEU E 44 -1.14 6.16 0.31
CA LEU E 44 -0.68 4.79 0.16
C LEU E 44 0.77 4.62 0.59
N THR E 45 1.52 5.71 0.72
CA THR E 45 2.90 5.66 1.16
C THR E 45 3.07 6.06 2.62
N GLY E 46 2.00 6.45 3.31
CA GLY E 46 2.11 6.81 4.70
C GLY E 46 2.77 8.14 4.97
N MET E 47 2.66 9.09 4.05
CA MET E 47 3.15 10.43 4.32
C MET E 47 2.33 11.11 5.42
N THR E 48 2.97 11.99 6.17
CA THR E 48 2.28 12.89 7.08
C THR E 48 1.79 14.11 6.30
N VAL E 49 0.49 14.36 6.30
CA VAL E 49 -0.04 15.53 5.60
C VAL E 49 -0.50 16.54 6.65
N THR E 50 -0.36 17.83 6.32
CA THR E 50 -0.90 18.91 7.14
C THR E 50 -1.92 19.66 6.29
N ILE E 51 -3.20 19.51 6.62
CA ILE E 51 -4.27 20.23 5.95
C ILE E 51 -4.29 21.66 6.47
N LYS E 52 -4.28 22.62 5.55
CA LYS E 52 -4.18 24.03 5.90
C LYS E 52 -5.31 24.81 5.25
N SER E 53 -5.92 25.70 6.04
CA SER E 53 -7.07 26.46 5.57
C SER E 53 -7.18 27.70 6.42
N SER E 54 -7.83 28.73 5.86
CA SER E 54 -8.06 29.96 6.63
C SER E 54 -8.90 29.66 7.86
N THR E 55 -9.91 28.80 7.72
CA THR E 55 -10.72 28.31 8.83
C THR E 55 -10.83 26.80 8.72
N CYS E 56 -10.90 26.15 9.88
CA CYS E 56 -10.68 24.71 9.98
C CYS E 56 -11.92 23.95 10.44
N GLU E 57 -13.11 24.46 10.13
CA GLU E 57 -14.32 23.80 10.61
C GLU E 57 -14.45 22.42 9.98
N SER E 58 -15.13 21.52 10.69
CA SER E 58 -15.37 20.19 10.17
C SER E 58 -16.13 20.27 8.85
N GLY E 59 -15.80 19.37 7.93
CA GLY E 59 -16.51 19.28 6.67
C GLY E 59 -16.25 20.40 5.69
N SER E 60 -15.25 21.23 5.93
CA SER E 60 -14.98 22.38 5.08
C SER E 60 -13.97 22.01 3.98
N GLY E 61 -13.86 22.90 3.01
CA GLY E 61 -12.98 22.67 1.90
C GLY E 61 -11.55 23.12 2.18
N PHE E 62 -10.61 22.63 1.38
CA PHE E 62 -9.23 23.05 1.51
C PHE E 62 -8.57 23.01 0.14
N ALA E 63 -7.51 23.80 0.01
CA ALA E 63 -6.67 23.71 -1.19
C ALA E 63 -5.21 24.01 -0.85
N GLU E 64 -4.81 23.86 0.41
CA GLU E 64 -3.42 23.96 0.83
C GLU E 64 -3.13 22.74 1.68
N VAL E 65 -2.06 22.02 1.35
CA VAL E 65 -1.67 20.86 2.16
C VAL E 65 -0.19 20.61 2.01
N GLN E 66 0.48 20.40 3.13
CA GLN E 66 1.89 20.09 3.17
C GLN E 66 2.07 18.58 3.26
N PHE E 67 3.14 18.09 2.62
CA PHE E 67 3.46 16.68 2.54
C PHE E 67 4.84 16.46 3.14
N ASN E 68 4.94 15.55 4.12
CA ASN E 68 6.20 15.17 4.75
C ASN E 68 6.34 13.66 4.75
N ASN E 69 7.56 13.17 4.54
CA ASN E 69 7.78 11.71 4.60
C ASN E 69 7.54 11.18 6.00
N ASP E 70 7.93 11.93 7.02
CA ASP E 70 7.68 11.45 8.39
C ASP E 70 7.39 12.59 9.37
N ALA F 1 21.01 29.89 -12.48
CA ALA F 1 21.94 29.48 -11.42
C ALA F 1 21.38 28.29 -10.63
N ASP F 2 22.27 27.52 -10.00
CA ASP F 2 21.86 26.42 -9.13
C ASP F 2 21.52 27.00 -7.76
N CYS F 3 20.23 27.14 -7.47
CA CYS F 3 19.80 27.82 -6.25
C CYS F 3 19.92 26.93 -5.02
N ALA F 4 19.69 25.63 -5.17
CA ALA F 4 19.65 24.72 -4.03
C ALA F 4 19.77 23.29 -4.53
N LYS F 5 20.51 22.46 -3.80
CA LYS F 5 20.67 21.07 -4.17
C LYS F 5 20.55 20.19 -2.94
N GLY F 6 19.74 19.16 -3.03
CA GLY F 6 19.56 18.27 -1.91
C GLY F 6 18.24 17.52 -2.04
N LYS F 7 17.87 16.85 -0.96
CA LYS F 7 16.59 16.15 -0.93
C LYS F 7 15.47 17.09 -0.55
N ILE F 8 14.27 16.76 -0.99
CA ILE F 8 13.09 17.58 -0.69
C ILE F 8 12.71 17.34 0.77
N GLU F 9 12.72 18.40 1.58
CA GLU F 9 12.44 18.29 3.01
C GLU F 9 10.95 18.27 3.29
N PHE F 10 10.18 19.05 2.54
CA PHE F 10 8.72 18.94 2.50
C PHE F 10 8.27 19.51 1.17
N SER F 11 7.06 19.13 0.75
CA SER F 11 6.40 19.78 -0.38
C SER F 11 5.06 20.30 0.09
N LYS F 12 4.48 21.22 -0.67
CA LYS F 12 3.22 21.82 -0.22
C LYS F 12 2.45 22.33 -1.42
N TYR F 13 1.20 21.89 -1.54
CA TYR F 13 0.28 22.42 -2.54
C TYR F 13 -0.35 23.70 -2.00
N ASN F 14 -0.40 24.75 -2.81
CA ASN F 14 -0.86 26.06 -2.37
C ASN F 14 -2.20 26.43 -3.00
N GLU F 15 -2.90 27.34 -2.32
CA GLU F 15 -4.27 27.66 -2.72
C GLU F 15 -4.37 28.31 -4.09
N ASP F 16 -3.28 28.91 -4.58
CA ASP F 16 -3.26 29.45 -5.93
C ASP F 16 -2.81 28.40 -6.95
N ASP F 17 -2.79 27.13 -6.56
CA ASP F 17 -2.40 26.00 -7.40
C ASP F 17 -0.92 26.03 -7.76
N THR F 18 -0.11 26.80 -7.04
CA THR F 18 1.33 26.62 -7.14
C THR F 18 1.78 25.57 -6.11
N PHE F 19 3.07 25.23 -6.17
CA PHE F 19 3.58 24.07 -5.44
C PHE F 19 4.95 24.42 -4.87
N THR F 20 5.10 24.28 -3.56
CA THR F 20 6.33 24.68 -2.88
C THR F 20 7.15 23.46 -2.49
N VAL F 21 8.48 23.56 -2.64
CA VAL F 21 9.37 22.57 -2.05
C VAL F 21 10.42 23.29 -1.22
N LYS F 22 10.89 22.60 -0.18
CA LYS F 22 12.01 23.08 0.64
C LYS F 22 13.20 22.17 0.38
N VAL F 23 14.31 22.77 -0.09
CA VAL F 23 15.51 22.04 -0.45
C VAL F 23 16.70 22.78 0.16
N ASP F 24 17.56 22.05 0.87
CA ASP F 24 18.73 22.62 1.53
C ASP F 24 18.38 23.87 2.33
N GLY F 25 17.26 23.82 3.04
CA GLY F 25 16.87 24.88 3.93
C GLY F 25 16.17 26.06 3.28
N LYS F 26 15.98 26.04 1.97
CA LYS F 26 15.38 27.16 1.26
C LYS F 26 14.10 26.69 0.57
N GLU F 27 13.12 27.58 0.50
CA GLU F 27 11.82 27.26 -0.11
C GLU F 27 11.68 27.94 -1.47
N TYR F 28 11.11 27.19 -2.42
CA TYR F 28 10.85 27.70 -3.76
C TYR F 28 9.51 27.16 -4.21
N TRP F 29 8.83 27.93 -5.07
CA TRP F 29 7.51 27.55 -5.56
C TRP F 29 7.52 27.54 -7.08
N THR F 30 6.66 26.69 -7.65
CA THR F 30 6.50 26.63 -9.10
C THR F 30 5.03 26.66 -9.45
N SER F 31 4.72 27.35 -10.56
CA SER F 31 3.39 27.34 -11.11
C SER F 31 3.22 26.30 -12.21
N ARG F 32 4.26 25.49 -12.47
CA ARG F 32 4.16 24.44 -13.50
C ARG F 32 3.48 23.23 -12.88
N TRP F 33 2.22 22.97 -13.27
CA TRP F 33 1.47 21.89 -12.63
C TRP F 33 2.13 20.53 -12.87
N ASN F 34 2.78 20.35 -14.02
CA ASN F 34 3.40 19.07 -14.32
C ASN F 34 4.45 18.69 -13.30
N LEU F 35 5.05 19.68 -12.62
CA LEU F 35 6.08 19.37 -11.64
C LEU F 35 5.53 18.81 -10.35
N GLN F 36 4.22 18.95 -10.09
CA GLN F 36 3.69 18.55 -8.78
C GLN F 36 3.89 17.07 -8.50
N PRO F 37 3.39 16.13 -9.33
CA PRO F 37 3.63 14.72 -9.00
C PRO F 37 5.09 14.31 -9.17
N LEU F 38 5.81 14.92 -10.12
CA LEU F 38 7.23 14.57 -10.28
C LEU F 38 8.01 14.90 -9.01
N LEU F 39 7.76 16.09 -8.46
CA LEU F 39 8.45 16.44 -7.22
C LEU F 39 8.02 15.51 -6.10
N GLN F 40 6.73 15.11 -6.09
CA GLN F 40 6.34 14.20 -5.01
C GLN F 40 7.05 12.87 -5.15
N SER F 41 7.17 12.36 -6.39
CA SER F 41 7.89 11.11 -6.57
C SER F 41 9.32 11.27 -6.09
N ALA F 42 9.94 12.41 -6.43
CA ALA F 42 11.31 12.62 -6.01
C ALA F 42 11.39 12.66 -4.50
N GLN F 43 10.44 13.36 -3.86
CA GLN F 43 10.44 13.46 -2.41
C GLN F 43 10.28 12.08 -1.79
N LEU F 44 9.40 11.26 -2.37
CA LEU F 44 9.14 9.95 -1.79
C LEU F 44 10.36 9.05 -1.88
N THR F 45 11.14 9.21 -2.95
CA THR F 45 12.22 8.27 -3.23
C THR F 45 13.58 8.81 -2.84
N GLY F 46 13.63 10.00 -2.23
CA GLY F 46 14.91 10.56 -1.83
C GLY F 46 15.81 10.95 -2.98
N MET F 47 15.24 11.40 -4.10
CA MET F 47 16.07 11.93 -5.16
C MET F 47 16.76 13.21 -4.70
N THR F 48 17.95 13.44 -5.25
CA THR F 48 18.62 14.71 -5.08
C THR F 48 18.14 15.65 -6.18
N VAL F 49 17.52 16.76 -5.80
CA VAL F 49 17.02 17.70 -6.79
C VAL F 49 17.88 18.95 -6.77
N THR F 50 18.01 19.58 -7.93
CA THR F 50 18.73 20.85 -8.08
C THR F 50 17.74 21.88 -8.60
N ILE F 51 17.37 22.83 -7.74
CA ILE F 51 16.49 23.93 -8.13
C ILE F 51 17.31 24.94 -8.92
N LYS F 52 16.85 25.30 -10.11
CA LYS F 52 17.57 26.23 -10.98
C LYS F 52 16.68 27.43 -11.30
N SER F 53 17.22 28.64 -11.12
CA SER F 53 16.45 29.87 -11.38
C SER F 53 17.43 31.02 -11.55
N SER F 54 16.94 32.09 -12.20
CA SER F 54 17.67 33.36 -12.26
C SER F 54 17.64 34.11 -10.93
N THR F 55 16.72 33.74 -10.04
CA THR F 55 16.62 34.30 -8.71
C THR F 55 16.59 33.16 -7.71
N CYS F 56 17.52 33.17 -6.76
CA CYS F 56 17.69 32.08 -5.81
C CYS F 56 17.33 32.48 -4.39
N GLU F 57 16.77 33.65 -4.17
CA GLU F 57 16.29 34.02 -2.85
C GLU F 57 15.20 33.06 -2.41
N SER F 58 15.30 32.57 -1.18
CA SER F 58 14.26 31.70 -0.64
C SER F 58 12.91 32.40 -0.71
N GLY F 59 11.88 31.64 -1.10
CA GLY F 59 10.57 32.20 -1.38
C GLY F 59 10.34 32.58 -2.83
N SER F 60 11.35 32.45 -3.70
CA SER F 60 11.21 32.82 -5.10
C SER F 60 10.66 31.66 -5.92
N GLY F 61 10.35 31.96 -7.18
CA GLY F 61 9.80 30.95 -8.07
C GLY F 61 10.86 30.19 -8.84
N PHE F 62 10.46 29.04 -9.40
CA PHE F 62 11.33 28.28 -10.27
C PHE F 62 10.50 27.52 -11.29
N ALA F 63 11.13 27.20 -12.42
CA ALA F 63 10.50 26.36 -13.43
C ALA F 63 11.50 25.42 -14.07
N GLU F 64 12.70 25.26 -13.49
CA GLU F 64 13.70 24.32 -13.98
C GLU F 64 14.24 23.55 -12.79
N VAL F 65 14.24 22.22 -12.87
CA VAL F 65 14.75 21.42 -11.76
C VAL F 65 15.28 20.10 -12.31
N GLN F 66 16.46 19.72 -11.83
CA GLN F 66 17.11 18.48 -12.22
C GLN F 66 16.85 17.42 -11.16
N PHE F 67 16.66 16.18 -11.62
CA PHE F 67 16.41 15.04 -10.74
C PHE F 67 17.58 14.07 -10.86
N ASN F 68 18.23 13.77 -9.73
CA ASN F 68 19.30 12.79 -9.69
C ASN F 68 19.00 11.69 -8.68
N ASN F 69 19.43 10.47 -9.00
CA ASN F 69 19.46 9.42 -8.00
C ASN F 69 20.80 9.48 -7.25
N ASP F 70 20.95 8.61 -6.26
CA ASP F 70 22.19 8.49 -5.52
C ASP F 70 23.35 8.18 -6.46
N1 1PS G . 15.48 22.28 -25.60
C1 1PS G . 14.14 22.50 -25.97
C2 1PS G . 13.85 23.02 -27.24
C3 1PS G . 16.52 22.57 -26.49
C4 1PS G . 16.21 23.09 -27.76
C5 1PS G . 14.88 23.32 -28.13
C6 1PS G . 15.80 21.73 -24.27
C7 1PS G . 16.32 22.84 -23.34
C8 1PS G . 15.15 23.74 -22.96
S1 1PS G . 15.72 25.16 -21.94
O1 1PS G . 14.49 25.97 -21.47
O2 1PS G . 16.63 26.08 -22.79
O3 1PS G . 16.50 24.62 -20.75
N1 1PS H . 0.83 2.66 -34.91
C1 1PS H . -0.04 3.73 -34.67
C2 1PS H . -1.12 3.95 -35.52
C3 1PS H . 0.62 1.81 -36.00
C4 1PS H . -0.47 2.04 -36.84
C5 1PS H . -1.33 3.10 -36.61
C6 1PS H . 1.99 2.41 -34.03
C7 1PS H . 3.25 2.98 -34.64
C8 1PS H . 3.20 4.51 -34.45
S1 1PS H . 4.69 5.22 -35.18
O1 1PS H . 4.67 6.74 -34.95
O2 1PS H . 4.74 4.91 -36.68
O3 1PS H . 5.88 4.55 -34.50
N1 1PS I . -20.31 0.80 -19.59
C1 1PS I . -20.05 2.17 -19.76
C2 1PS I . -21.12 3.04 -19.95
C3 1PS I . -21.62 0.32 -19.57
C4 1PS I . -22.69 1.20 -19.77
C5 1PS I . -22.43 2.55 -19.95
C6 1PS I . -19.20 -0.16 -19.37
C7 1PS I . -18.84 -0.90 -20.66
C8 1PS I . -18.27 0.08 -21.69
S1 1PS I . -17.91 -0.84 -23.24
O1 1PS I . -19.19 -1.36 -23.86
O2 1PS I . -17.23 0.11 -24.21
O3 1PS I . -16.98 -2.00 -22.87
N1 1PS J . 3.84 31.71 -4.17
C1 1PS J . 3.15 31.67 -5.40
C2 1PS J . 3.10 32.78 -6.22
C3 1PS J . 4.47 32.89 -3.77
C4 1PS J . 4.42 34.00 -4.60
C5 1PS J . 3.75 33.95 -5.81
C6 1PS J . 3.88 30.52 -3.28
C7 1PS J . 2.84 30.65 -2.17
C8 1PS J . 1.45 30.74 -2.82
S1 1PS J . 0.14 30.95 -1.56
O1 1PS J . 0.21 32.36 -0.94
O2 1PS J . -1.23 30.76 -2.23
O3 1PS J . 0.37 29.90 -0.47
#